data_8XMJ
#
_entry.id   8XMJ
#
_cell.length_a   1.00
_cell.length_b   1.00
_cell.length_c   1.00
_cell.angle_alpha   90.00
_cell.angle_beta   90.00
_cell.angle_gamma   90.00
#
_symmetry.space_group_name_H-M   'P 1'
#
loop_
_entity.id
_entity.type
_entity.pdbx_description
1 polymer 'Proton-coupled zinc antiporter SLC30A1'
2 non-polymer 'ZINC ION'
3 non-polymer 'Lauryl Maltose Neopentyl Glycol'
4 non-polymer 'CHOLESTEROL HEMISUCCINATE'
#
_entity_poly.entity_id   1
_entity_poly.type   'polypeptide(L)'
_entity_poly.pdbx_seq_one_letter_code
;MGCWGRNRGRLLCMLALTFMFMVLEVVVSRVTSSLAMLSDSFHMLSDVLALVVALVAERFARRTHATQKNTFGWIRAEVM
GALVNAIFLTGLCFAILLEAIERFIEPHEMQQPLVVLGVGVAGLLVNVLGLCLFHHHSGFSQDSGHGHSHGGHGHGHGLP
KGPRVKSTRPGSSDINVAPGEQGPDQEETNTLVANTSNSNGLKLDPADPENPRSGDTVEVQVNGNLVREPDHMELEEDRA
GQLNMRGVFLHVLGDALGSVIVVVNALVFYFSWKGCSEGDFCVNPCFPDPCKAFVEIINSTHASVYEAGPCWVLYLDPTL
CVVMVCILLYTTYPLLKESALILLQTVPKQIDIRNLIKELRNVEGVEEVHELHVWQLAGSRIIATAHIKCEDPTSYMEVA
KTIKDVFHNHGIHATTIQPEFASVGSKSSVVPCELACRTQCALKQCCGTLPQAPSGKDAEKTPAVSISCLELSNNLEKKP
RRTKAENIPAVVIEIKNMPNKQPESSLSRLEEELRRRTEGGSSDLEVLFQ
;
_entity_poly.pdbx_strand_id   B,A
#
# COMPACT_ATOMS: atom_id res chain seq x y z
N ASN A 7 -6.80 -20.84 -12.93
CA ASN A 7 -6.71 -19.43 -13.29
C ASN A 7 -5.37 -18.84 -12.90
N ARG A 8 -4.65 -19.53 -12.01
CA ARG A 8 -3.33 -19.09 -11.59
C ARG A 8 -2.27 -19.32 -12.65
N GLY A 9 -2.60 -20.02 -13.74
CA GLY A 9 -1.63 -20.26 -14.79
C GLY A 9 -1.11 -18.98 -15.42
N ARG A 10 -1.99 -17.98 -15.57
CA ARG A 10 -1.56 -16.69 -16.12
C ARG A 10 -0.52 -16.04 -15.21
N LEU A 11 -0.75 -16.05 -13.90
CA LEU A 11 0.22 -15.48 -12.97
C LEU A 11 1.52 -16.27 -12.99
N LEU A 12 1.43 -17.60 -13.05
CA LEU A 12 2.63 -18.43 -13.08
C LEU A 12 3.47 -18.16 -14.31
N CYS A 13 2.83 -18.08 -15.48
CA CYS A 13 3.59 -17.83 -16.70
C CYS A 13 4.12 -16.41 -16.73
N MET A 14 3.39 -15.45 -16.16
CA MET A 14 3.92 -14.10 -16.04
C MET A 14 5.17 -14.07 -15.18
N LEU A 15 5.15 -14.78 -14.05
CA LEU A 15 6.33 -14.85 -13.19
C LEU A 15 7.50 -15.53 -13.92
N ALA A 16 7.21 -16.58 -14.68
CA ALA A 16 8.27 -17.25 -15.45
C ALA A 16 8.86 -16.30 -16.49
N LEU A 17 7.99 -15.53 -17.15
CA LEU A 17 8.48 -14.55 -18.13
C LEU A 17 9.34 -13.48 -17.47
N THR A 18 8.93 -13.02 -16.27
CA THR A 18 9.74 -12.05 -15.56
C THR A 18 11.11 -12.62 -15.19
N PHE A 19 11.14 -13.87 -14.74
CA PHE A 19 12.43 -14.48 -14.41
C PHE A 19 13.31 -14.66 -15.65
N MET A 20 12.69 -15.03 -16.78
CA MET A 20 13.45 -15.12 -18.03
C MET A 20 14.00 -13.76 -18.44
N PHE A 21 13.20 -12.71 -18.27
CA PHE A 21 13.68 -11.37 -18.55
C PHE A 21 14.83 -10.99 -17.63
N MET A 22 14.75 -11.38 -16.35
CA MET A 22 15.85 -11.14 -15.42
C MET A 22 17.11 -11.84 -15.90
N VAL A 23 16.99 -13.09 -16.34
CA VAL A 23 18.14 -13.86 -16.78
C VAL A 23 18.78 -13.21 -18.01
N LEU A 24 17.96 -12.84 -18.99
CA LEU A 24 18.51 -12.23 -20.20
C LEU A 24 19.13 -10.86 -19.89
N GLU A 25 18.51 -10.10 -18.99
CA GLU A 25 19.05 -8.79 -18.64
C GLU A 25 20.39 -8.92 -17.92
N VAL A 26 20.51 -9.86 -16.98
CA VAL A 26 21.78 -10.01 -16.29
C VAL A 26 22.84 -10.56 -17.22
N VAL A 27 22.47 -11.42 -18.17
CA VAL A 27 23.43 -11.89 -19.17
C VAL A 27 23.92 -10.74 -20.02
N VAL A 28 23.01 -9.87 -20.45
CA VAL A 28 23.39 -8.70 -21.24
C VAL A 28 24.30 -7.78 -20.44
N SER A 29 23.99 -7.58 -19.16
CA SER A 29 24.84 -6.76 -18.30
C SER A 29 26.24 -7.36 -18.17
N ARG A 30 26.32 -8.68 -17.99
CA ARG A 30 27.62 -9.32 -17.86
C ARG A 30 28.44 -9.20 -19.14
N VAL A 31 27.80 -9.42 -20.30
CA VAL A 31 28.56 -9.40 -21.54
C VAL A 31 28.92 -7.97 -21.94
N THR A 32 28.10 -6.99 -21.55
CA THR A 32 28.33 -5.60 -21.92
C THR A 32 28.98 -4.77 -20.83
N SER A 33 29.03 -5.27 -19.59
CA SER A 33 29.64 -4.56 -18.47
C SER A 33 29.02 -3.18 -18.26
N SER A 34 27.68 -3.14 -18.24
CA SER A 34 26.94 -1.91 -18.05
C SER A 34 26.04 -2.05 -16.82
N LEU A 35 26.14 -1.08 -15.90
CA LEU A 35 25.30 -1.10 -14.71
C LEU A 35 23.86 -0.69 -15.00
N ALA A 36 23.61 -0.09 -16.17
CA ALA A 36 22.26 0.32 -16.52
C ALA A 36 21.33 -0.89 -16.62
N MET A 37 21.84 -2.00 -17.16
CA MET A 37 21.04 -3.21 -17.24
C MET A 37 20.70 -3.75 -15.84
N LEU A 38 21.67 -3.68 -14.92
CA LEU A 38 21.40 -4.09 -13.55
C LEU A 38 20.34 -3.19 -12.90
N SER A 39 20.43 -1.87 -13.16
CA SER A 39 19.41 -0.96 -12.66
C SER A 39 18.04 -1.29 -13.23
N ASP A 40 17.99 -1.63 -14.52
CA ASP A 40 16.72 -2.01 -15.14
C ASP A 40 16.17 -3.30 -14.54
N SER A 41 17.05 -4.26 -14.25
CA SER A 41 16.61 -5.48 -13.58
C SER A 41 16.04 -5.19 -12.20
N PHE A 42 16.72 -4.31 -11.44
CA PHE A 42 16.18 -3.91 -10.15
C PHE A 42 14.84 -3.20 -10.30
N HIS A 43 14.67 -2.40 -11.35
CA HIS A 43 13.39 -1.75 -11.61
C HIS A 43 12.29 -2.76 -11.88
N MET A 44 12.58 -3.78 -12.70
CA MET A 44 11.62 -4.83 -12.98
C MET A 44 11.38 -5.75 -11.80
N LEU A 45 12.27 -5.74 -10.81
CA LEU A 45 12.03 -6.50 -9.59
C LEU A 45 10.75 -6.05 -8.90
N SER A 46 10.38 -4.77 -9.03
CA SER A 46 9.12 -4.30 -8.47
C SER A 46 7.93 -5.00 -9.12
N ASP A 47 7.95 -5.11 -10.45
CA ASP A 47 6.89 -5.84 -11.15
C ASP A 47 6.89 -7.31 -10.77
N VAL A 48 8.07 -7.90 -10.61
CA VAL A 48 8.16 -9.29 -10.16
C VAL A 48 7.51 -9.46 -8.79
N LEU A 49 7.79 -8.53 -7.88
CA LEU A 49 7.18 -8.57 -6.55
C LEU A 49 5.68 -8.41 -6.62
N ALA A 50 5.19 -7.53 -7.50
CA ALA A 50 3.74 -7.37 -7.67
C ALA A 50 3.11 -8.66 -8.17
N LEU A 51 3.77 -9.33 -9.11
CA LEU A 51 3.26 -10.61 -9.60
C LEU A 51 3.24 -11.65 -8.48
N VAL A 52 4.29 -11.67 -7.64
CA VAL A 52 4.32 -12.60 -6.51
C VAL A 52 3.18 -12.31 -5.55
N VAL A 53 2.91 -11.03 -5.29
CA VAL A 53 1.80 -10.66 -4.41
C VAL A 53 0.48 -11.13 -4.99
N ALA A 54 0.28 -10.94 -6.30
CA ALA A 54 -0.95 -11.41 -6.93
C ALA A 54 -1.08 -12.93 -6.81
N LEU A 55 0.02 -13.65 -7.03
CA LEU A 55 -0.02 -15.11 -6.97
C LEU A 55 -0.36 -15.60 -5.56
N VAL A 56 0.28 -15.02 -4.55
CA VAL A 56 -0.01 -15.45 -3.18
C VAL A 56 -1.42 -15.06 -2.77
N ALA A 57 -1.90 -13.90 -3.24
CA ALA A 57 -3.28 -13.52 -2.96
C ALA A 57 -4.26 -14.53 -3.56
N GLU A 58 -4.02 -14.95 -4.81
CA GLU A 58 -4.88 -15.96 -5.41
C GLU A 58 -4.79 -17.29 -4.67
N ARG A 59 -3.58 -17.68 -4.26
CA ARG A 59 -3.41 -18.94 -3.54
C ARG A 59 -4.17 -18.93 -2.22
N PHE A 60 -4.11 -17.83 -1.48
CA PHE A 60 -4.87 -17.75 -0.23
C PHE A 60 -6.36 -17.62 -0.47
N ALA A 61 -6.76 -17.00 -1.59
CA ALA A 61 -8.17 -16.94 -1.94
C ALA A 61 -8.71 -18.32 -2.28
N ARG A 62 -7.85 -19.23 -2.76
CA ARG A 62 -8.27 -20.60 -3.03
C ARG A 62 -8.73 -21.33 -1.77
N ARG A 63 -8.36 -20.85 -0.60
CA ARG A 63 -8.74 -21.46 0.67
C ARG A 63 -9.83 -20.61 1.33
N THR A 64 -11.02 -21.18 1.45
CA THR A 64 -12.17 -20.51 2.06
C THR A 64 -12.86 -21.44 3.06
N HIS A 65 -12.06 -22.04 3.94
CA HIS A 65 -12.54 -23.07 4.86
C HIS A 65 -13.01 -22.50 6.19
N ALA A 66 -13.01 -21.17 6.36
CA ALA A 66 -13.44 -20.52 7.60
C ALA A 66 -12.63 -21.02 8.79
N THR A 67 -11.34 -20.69 8.75
CA THR A 67 -10.39 -21.16 9.73
C THR A 67 -10.70 -20.59 11.12
N GLN A 68 -9.87 -20.98 12.10
CA GLN A 68 -10.09 -20.58 13.48
C GLN A 68 -10.06 -19.07 13.64
N LYS A 69 -8.99 -18.43 13.14
CA LYS A 69 -8.84 -16.99 13.34
C LYS A 69 -9.79 -16.20 12.45
N ASN A 70 -9.98 -16.64 11.21
CA ASN A 70 -10.78 -15.90 10.23
C ASN A 70 -12.17 -16.53 10.18
N THR A 71 -13.15 -15.87 10.78
CA THR A 71 -14.51 -16.38 10.78
C THR A 71 -15.10 -16.37 9.38
N PHE A 72 -15.02 -15.23 8.69
CA PHE A 72 -15.49 -15.15 7.31
C PHE A 72 -14.68 -16.05 6.40
N GLY A 73 -13.37 -16.11 6.62
CA GLY A 73 -12.46 -16.73 5.69
C GLY A 73 -11.62 -15.69 4.97
N TRP A 74 -10.58 -16.17 4.30
CA TRP A 74 -9.60 -15.28 3.68
C TRP A 74 -10.01 -14.86 2.28
N ILE A 75 -11.31 -14.86 1.99
CA ILE A 75 -11.78 -14.37 0.68
C ILE A 75 -11.48 -12.89 0.52
N ARG A 76 -11.48 -12.14 1.63
CA ARG A 76 -11.15 -10.72 1.58
C ARG A 76 -9.68 -10.48 1.24
N ALA A 77 -8.85 -11.52 1.31
CA ALA A 77 -7.45 -11.36 0.95
C ALA A 77 -7.29 -10.94 -0.50
N GLU A 78 -8.22 -11.33 -1.37
CA GLU A 78 -8.14 -10.90 -2.77
C GLU A 78 -8.18 -9.39 -2.90
N VAL A 79 -9.20 -8.76 -2.32
CA VAL A 79 -9.31 -7.31 -2.42
C VAL A 79 -8.21 -6.62 -1.62
N MET A 80 -7.82 -7.19 -0.49
CA MET A 80 -6.75 -6.57 0.29
C MET A 80 -5.44 -6.57 -0.48
N GLY A 81 -5.11 -7.69 -1.12
CA GLY A 81 -3.93 -7.75 -1.95
C GLY A 81 -4.02 -6.86 -3.17
N ALA A 82 -5.21 -6.72 -3.74
CA ALA A 82 -5.40 -5.77 -4.84
C ALA A 82 -5.07 -4.35 -4.38
N LEU A 83 -5.56 -3.97 -3.21
CA LEU A 83 -5.25 -2.65 -2.67
C LEU A 83 -3.76 -2.49 -2.40
N VAL A 84 -3.14 -3.54 -1.87
CA VAL A 84 -1.69 -3.47 -1.61
C VAL A 84 -0.92 -3.28 -2.91
N ASN A 85 -1.29 -4.03 -3.95
CA ASN A 85 -0.61 -3.89 -5.24
C ASN A 85 -0.83 -2.49 -5.82
N ALA A 86 -2.04 -1.96 -5.70
CA ALA A 86 -2.30 -0.62 -6.20
C ALA A 86 -1.49 0.42 -5.46
N ILE A 87 -1.38 0.29 -4.13
CA ILE A 87 -0.60 1.25 -3.35
C ILE A 87 0.88 1.13 -3.69
N PHE A 88 1.35 -0.10 -3.91
CA PHE A 88 2.75 -0.28 -4.31
C PHE A 88 3.01 0.36 -5.66
N LEU A 89 2.07 0.21 -6.60
CA LEU A 89 2.22 0.86 -7.90
C LEU A 89 2.25 2.38 -7.75
N THR A 90 1.38 2.92 -6.89
CA THR A 90 1.37 4.36 -6.66
C THR A 90 2.69 4.84 -6.07
N GLY A 91 3.24 4.08 -5.12
CA GLY A 91 4.53 4.45 -4.54
C GLY A 91 5.66 4.37 -5.55
N LEU A 92 5.62 3.35 -6.42
CA LEU A 92 6.60 3.25 -7.49
C LEU A 92 6.49 4.44 -8.44
N CYS A 93 5.26 4.86 -8.74
CA CYS A 93 5.07 6.03 -9.60
C CYS A 93 5.59 7.29 -8.92
N PHE A 94 5.39 7.42 -7.61
CA PHE A 94 5.94 8.57 -6.90
C PHE A 94 7.46 8.59 -6.94
N ALA A 95 8.08 7.42 -6.75
CA ALA A 95 9.53 7.33 -6.84
C ALA A 95 10.01 7.65 -8.24
N ILE A 96 9.28 7.17 -9.27
CA ILE A 96 9.64 7.45 -10.65
C ILE A 96 9.51 8.94 -10.95
N LEU A 97 8.49 9.59 -10.39
CA LEU A 97 8.34 11.03 -10.57
C LEU A 97 9.48 11.80 -9.92
N LEU A 98 9.89 11.37 -8.72
CA LEU A 98 11.04 12.01 -8.08
C LEU A 98 12.30 11.83 -8.92
N GLU A 99 12.52 10.62 -9.42
CA GLU A 99 13.69 10.36 -10.26
C GLU A 99 13.64 11.18 -11.55
N ALA A 100 12.45 11.32 -12.13
CA ALA A 100 12.31 12.11 -13.35
C ALA A 100 12.58 13.58 -13.09
N ILE A 101 12.12 14.10 -11.96
CA ILE A 101 12.41 15.49 -11.60
C ILE A 101 13.92 15.67 -11.42
N GLU A 102 14.57 14.72 -10.75
CA GLU A 102 16.02 14.81 -10.58
C GLU A 102 16.74 14.77 -11.92
N ARG A 103 16.30 13.89 -12.83
CA ARG A 103 16.93 13.80 -14.14
C ARG A 103 16.71 15.06 -14.96
N PHE A 104 15.52 15.66 -14.85
CA PHE A 104 15.27 16.92 -15.52
C PHE A 104 16.17 18.01 -14.97
N ILE A 105 16.37 18.03 -13.64
CA ILE A 105 17.30 18.98 -13.05
C ILE A 105 18.74 18.61 -13.41
N GLU A 106 19.08 17.33 -13.32
CA GLU A 106 20.44 16.84 -13.61
C GLU A 106 20.39 15.89 -14.79
N PRO A 107 20.72 16.34 -16.00
CA PRO A 107 20.62 15.47 -17.17
C PRO A 107 21.63 14.34 -17.13
N HIS A 108 21.24 13.22 -17.76
CA HIS A 108 22.09 12.04 -17.84
C HIS A 108 21.69 11.23 -19.06
N GLU A 109 22.64 11.03 -19.97
CA GLU A 109 22.39 10.27 -21.19
C GLU A 109 22.53 8.77 -20.91
N MET A 110 22.48 7.98 -21.97
CA MET A 110 22.62 6.54 -21.89
C MET A 110 23.64 6.04 -22.91
N GLN A 111 24.26 4.90 -22.61
CA GLN A 111 25.29 4.32 -23.45
C GLN A 111 24.82 2.99 -24.01
N GLN A 112 25.44 2.57 -25.11
CA GLN A 112 25.12 1.33 -25.81
C GLN A 112 23.65 1.31 -26.21
N PRO A 113 23.24 2.15 -27.16
CA PRO A 113 21.82 2.20 -27.53
C PRO A 113 21.30 0.90 -28.13
N LEU A 114 22.16 0.09 -28.73
CA LEU A 114 21.71 -1.15 -29.35
C LEU A 114 21.19 -2.13 -28.30
N VAL A 115 21.98 -2.37 -27.25
CA VAL A 115 21.56 -3.30 -26.20
C VAL A 115 20.37 -2.75 -25.45
N VAL A 116 20.33 -1.43 -25.24
CA VAL A 116 19.19 -0.81 -24.57
C VAL A 116 17.92 -1.03 -25.38
N LEU A 117 17.99 -0.82 -26.70
CA LEU A 117 16.84 -1.04 -27.56
C LEU A 117 16.43 -2.51 -27.54
N GLY A 118 17.40 -3.42 -27.57
CA GLY A 118 17.06 -4.84 -27.57
C GLY A 118 16.36 -5.26 -26.29
N VAL A 119 16.89 -4.85 -25.14
CA VAL A 119 16.25 -5.23 -23.88
C VAL A 119 14.90 -4.53 -23.75
N GLY A 120 14.77 -3.30 -24.25
CA GLY A 120 13.49 -2.61 -24.19
C GLY A 120 12.43 -3.30 -25.03
N VAL A 121 12.77 -3.70 -26.25
CA VAL A 121 11.79 -4.37 -27.10
C VAL A 121 11.47 -5.76 -26.56
N ALA A 122 12.45 -6.44 -25.95
CA ALA A 122 12.16 -7.73 -25.32
C ALA A 122 11.17 -7.56 -24.18
N GLY A 123 11.40 -6.57 -23.31
CA GLY A 123 10.46 -6.30 -22.25
C GLY A 123 9.09 -5.89 -22.76
N LEU A 124 9.06 -5.09 -23.84
CA LEU A 124 7.79 -4.68 -24.43
C LEU A 124 7.02 -5.90 -24.96
N LEU A 125 7.72 -6.82 -25.62
CA LEU A 125 7.06 -8.04 -26.08
C LEU A 125 6.54 -8.86 -24.92
N VAL A 126 7.33 -8.98 -23.85
CA VAL A 126 6.89 -9.74 -22.69
C VAL A 126 5.63 -9.13 -22.09
N ASN A 127 5.63 -7.81 -21.91
CA ASN A 127 4.47 -7.15 -21.32
C ASN A 127 3.26 -7.20 -22.25
N VAL A 128 3.48 -7.14 -23.57
CA VAL A 128 2.36 -7.26 -24.51
C VAL A 128 1.75 -8.65 -24.43
N LEU A 129 2.59 -9.69 -24.36
CA LEU A 129 2.08 -11.04 -24.21
C LEU A 129 1.33 -11.20 -22.90
N GLY A 130 1.83 -10.61 -21.83
CA GLY A 130 1.13 -10.68 -20.56
C GLY A 130 -0.22 -9.96 -20.58
N LEU A 131 -0.24 -8.76 -21.16
CA LEU A 131 -1.48 -7.99 -21.20
C LEU A 131 -2.53 -8.63 -22.08
N CYS A 132 -2.11 -9.22 -23.21
CA CYS A 132 -3.06 -9.87 -24.10
C CYS A 132 -3.74 -11.05 -23.40
N LEU A 133 -2.96 -11.84 -22.65
CA LEU A 133 -3.56 -12.92 -21.88
C LEU A 133 -4.45 -12.39 -20.75
N PHE A 134 -4.05 -11.28 -20.12
CA PHE A 134 -4.80 -10.71 -19.02
C PHE A 134 -6.02 -9.91 -19.47
N HIS A 135 -6.18 -9.70 -20.77
CA HIS A 135 -7.34 -8.98 -21.30
C HIS A 135 -8.56 -9.87 -21.48
N HIS A 136 -8.59 -11.02 -20.80
CA HIS A 136 -9.74 -11.93 -20.91
C HIS A 136 -11.01 -11.28 -20.39
N HIS A 137 -10.90 -10.37 -19.42
CA HIS A 137 -12.06 -9.70 -18.87
C HIS A 137 -12.67 -8.73 -19.87
N GLY A 241 -15.35 -12.21 -12.06
CA GLY A 241 -14.70 -10.92 -11.96
C GLY A 241 -13.81 -10.78 -10.74
N GLN A 242 -12.54 -10.46 -10.96
CA GLN A 242 -11.58 -10.31 -9.89
C GLN A 242 -10.92 -8.93 -9.98
N LEU A 243 -10.98 -8.17 -8.88
CA LEU A 243 -10.38 -6.84 -8.87
C LEU A 243 -8.86 -6.92 -8.90
N ASN A 244 -8.27 -7.94 -8.27
CA ASN A 244 -6.82 -8.08 -8.29
C ASN A 244 -6.31 -8.29 -9.71
N MET A 245 -7.06 -9.03 -10.53
CA MET A 245 -6.68 -9.21 -11.92
C MET A 245 -6.66 -7.88 -12.65
N ARG A 246 -7.67 -7.04 -12.42
CA ARG A 246 -7.69 -5.72 -13.05
C ARG A 246 -6.53 -4.86 -12.57
N GLY A 247 -6.19 -4.93 -11.28
CA GLY A 247 -5.07 -4.17 -10.77
C GLY A 247 -3.75 -4.59 -11.38
N VAL A 248 -3.52 -5.90 -11.49
CA VAL A 248 -2.30 -6.39 -12.11
C VAL A 248 -2.28 -6.04 -13.59
N PHE A 249 -3.44 -6.05 -14.25
CA PHE A 249 -3.51 -5.64 -15.65
C PHE A 249 -3.12 -4.18 -15.80
N LEU A 250 -3.61 -3.31 -14.92
CA LEU A 250 -3.23 -1.90 -14.97
C LEU A 250 -1.75 -1.71 -14.73
N HIS A 251 -1.22 -2.44 -13.77
CA HIS A 251 0.18 -2.35 -13.46
C HIS A 251 1.01 -2.77 -14.67
N VAL A 252 0.67 -3.88 -15.31
CA VAL A 252 1.39 -4.39 -16.47
C VAL A 252 1.28 -3.41 -17.63
N LEU A 253 0.10 -2.81 -17.82
CA LEU A 253 -0.06 -1.82 -18.87
C LEU A 253 0.83 -0.62 -18.65
N GLY A 254 0.93 -0.16 -17.39
CA GLY A 254 1.82 0.95 -17.09
C GLY A 254 3.28 0.59 -17.32
N ASP A 255 3.63 -0.63 -16.97
CA ASP A 255 4.98 -1.02 -17.21
C ASP A 255 5.21 -0.94 -18.71
N ALA A 256 4.35 -1.59 -19.49
CA ALA A 256 4.53 -1.63 -20.94
C ALA A 256 4.64 -0.23 -21.52
N LEU A 257 3.82 0.71 -21.03
CA LEU A 257 3.91 2.08 -21.50
C LEU A 257 5.28 2.68 -21.18
N GLY A 258 5.78 2.47 -19.97
CA GLY A 258 7.11 2.94 -19.65
C GLY A 258 8.18 2.31 -20.51
N SER A 259 8.06 1.00 -20.77
CA SER A 259 9.05 0.31 -21.59
C SER A 259 9.06 0.85 -23.01
N VAL A 260 7.88 1.03 -23.61
CA VAL A 260 7.85 1.53 -24.98
C VAL A 260 8.29 2.98 -25.04
N ILE A 261 8.04 3.76 -23.98
CA ILE A 261 8.56 5.13 -23.93
C ILE A 261 10.09 5.11 -23.93
N VAL A 262 10.67 4.21 -23.13
CA VAL A 262 12.13 4.09 -23.09
C VAL A 262 12.66 3.66 -24.45
N VAL A 263 11.97 2.73 -25.12
CA VAL A 263 12.40 2.26 -26.43
C VAL A 263 12.40 3.41 -27.43
N VAL A 264 11.32 4.20 -27.44
CA VAL A 264 11.23 5.32 -28.37
C VAL A 264 12.31 6.35 -28.08
N ASN A 265 12.55 6.63 -26.80
CA ASN A 265 13.59 7.59 -26.44
C ASN A 265 14.96 7.11 -26.90
N ALA A 266 15.28 5.84 -26.68
CA ALA A 266 16.57 5.31 -27.12
C ALA A 266 16.68 5.35 -28.63
N LEU A 267 15.60 4.99 -29.35
CA LEU A 267 15.65 4.99 -30.80
C LEU A 267 15.88 6.39 -31.36
N VAL A 268 15.15 7.38 -30.83
CA VAL A 268 15.33 8.74 -31.33
C VAL A 268 16.69 9.29 -30.92
N PHE A 269 17.22 8.86 -29.78
CA PHE A 269 18.58 9.25 -29.41
C PHE A 269 19.60 8.70 -30.39
N TYR A 270 19.41 7.45 -30.81
CA TYR A 270 20.34 6.86 -31.78
C TYR A 270 20.24 7.55 -33.13
N PHE A 271 19.06 8.06 -33.50
CA PHE A 271 18.89 8.67 -34.81
C PHE A 271 19.79 9.87 -35.01
N SER A 272 19.89 10.74 -34.01
CA SER A 272 20.69 11.97 -34.13
C SER A 272 21.38 12.25 -32.79
N TRP A 273 22.59 11.71 -32.64
CA TRP A 273 23.48 12.07 -31.55
C TRP A 273 24.89 11.54 -31.83
N LYS A 274 25.90 12.39 -31.71
CA LYS A 274 27.28 12.02 -32.00
C LYS A 274 28.07 11.94 -30.70
N GLY A 275 28.56 10.75 -30.38
CA GLY A 275 29.42 10.60 -29.22
C GLY A 275 30.80 11.18 -29.47
N CYS A 276 31.45 11.52 -28.37
CA CYS A 276 32.78 12.07 -28.46
C CYS A 276 33.75 11.47 -27.49
N SER A 277 35.02 11.54 -27.83
CA SER A 277 36.09 11.09 -26.96
C SER A 277 37.08 12.21 -26.66
N GLU A 278 36.56 13.44 -26.48
CA GLU A 278 37.32 14.65 -26.20
C GLU A 278 38.10 15.11 -27.42
N GLY A 279 38.10 14.31 -28.49
CA GLY A 279 38.69 14.76 -29.74
C GLY A 279 37.91 15.88 -30.39
N ASP A 280 36.58 15.79 -30.37
CA ASP A 280 35.70 16.80 -30.92
C ASP A 280 34.71 17.23 -29.85
N PHE A 281 34.45 18.53 -29.76
CA PHE A 281 33.53 19.04 -28.76
C PHE A 281 32.12 18.57 -29.09
N CYS A 282 31.54 17.75 -28.19
CA CYS A 282 30.23 17.17 -28.45
C CYS A 282 29.13 17.67 -27.53
N VAL A 283 29.34 17.61 -26.22
CA VAL A 283 28.29 17.98 -25.28
C VAL A 283 27.97 19.45 -25.43
N ASN A 284 26.68 19.78 -25.53
CA ASN A 284 26.26 21.16 -25.65
C ASN A 284 26.54 21.92 -24.36
N PRO A 285 26.64 23.25 -24.43
CA PRO A 285 26.87 24.03 -23.20
C PRO A 285 25.80 23.84 -22.14
N CYS A 286 24.58 23.44 -22.54
CA CYS A 286 23.54 23.16 -21.56
C CYS A 286 23.95 22.03 -20.62
N PHE A 287 24.54 20.97 -21.16
CA PHE A 287 25.00 19.86 -20.34
C PHE A 287 26.29 20.26 -19.64
N PRO A 288 26.34 20.24 -18.31
CA PRO A 288 27.58 20.62 -17.61
C PRO A 288 28.63 19.54 -17.75
N ASP A 289 29.78 19.90 -18.33
CA ASP A 289 30.88 18.96 -18.47
C ASP A 289 31.51 18.69 -17.10
N PRO A 290 32.01 17.47 -16.88
CA PRO A 290 32.64 17.15 -15.59
C PRO A 290 33.96 17.87 -15.44
N CYS A 291 34.04 18.75 -14.43
CA CYS A 291 35.23 19.55 -14.15
C CYS A 291 35.66 20.35 -15.37
N LYS A 292 34.68 20.85 -16.12
CA LYS A 292 34.91 21.61 -17.35
C LYS A 292 35.77 20.83 -18.34
N ALA A 293 35.62 19.52 -18.36
CA ALA A 293 36.44 18.63 -19.19
C ALA A 293 37.92 18.85 -18.94
N PHE A 294 38.29 18.97 -17.66
CA PHE A 294 39.67 19.23 -17.25
C PHE A 294 40.18 20.52 -17.88
N VAL A 295 39.38 21.58 -17.76
CA VAL A 295 39.69 22.89 -18.33
C VAL A 295 39.93 22.75 -19.83
N GLU A 296 38.99 22.10 -20.52
CA GLU A 296 39.10 21.86 -21.96
C GLU A 296 40.41 21.15 -22.30
N ILE A 297 40.76 20.16 -21.48
CA ILE A 297 42.03 19.43 -21.58
C ILE A 297 43.16 20.45 -21.58
N ILE A 298 43.28 21.17 -20.48
CA ILE A 298 44.30 22.21 -20.30
C ILE A 298 44.21 23.22 -21.43
N VAL A 305 31.92 19.99 -33.60
CA VAL A 305 30.83 19.17 -34.13
C VAL A 305 29.55 19.43 -33.34
N TYR A 306 29.67 19.56 -32.01
CA TYR A 306 28.55 19.82 -31.10
C TYR A 306 27.50 18.70 -31.14
N GLU A 307 27.87 17.53 -31.64
CA GLU A 307 26.99 16.37 -31.71
C GLU A 307 25.71 16.66 -32.47
N ALA A 308 24.73 15.78 -32.36
CA ALA A 308 23.42 15.95 -32.99
C ALA A 308 22.34 15.86 -31.93
N GLY A 309 21.28 16.66 -32.10
CA GLY A 309 20.21 16.72 -31.13
C GLY A 309 20.70 17.13 -29.76
N PRO A 310 21.14 18.39 -29.62
CA PRO A 310 21.75 18.82 -28.35
C PRO A 310 20.85 18.67 -27.14
N CYS A 311 19.65 19.25 -27.20
CA CYS A 311 18.76 19.26 -26.04
C CYS A 311 17.32 18.85 -26.36
N TRP A 312 16.93 18.80 -27.62
CA TRP A 312 15.56 18.38 -27.94
C TRP A 312 15.32 16.94 -27.50
N VAL A 313 16.28 16.05 -27.75
CA VAL A 313 16.15 14.66 -27.31
C VAL A 313 16.21 14.58 -25.80
N LEU A 314 16.93 15.51 -25.15
CA LEU A 314 17.08 15.45 -23.70
C LEU A 314 15.74 15.56 -22.99
N TYR A 315 14.87 16.46 -23.46
CA TYR A 315 13.56 16.65 -22.86
C TYR A 315 12.57 15.54 -23.20
N LEU A 316 12.90 14.69 -24.18
CA LEU A 316 11.93 13.69 -24.65
C LEU A 316 11.63 12.67 -23.57
N ASP A 317 12.67 12.08 -22.97
CA ASP A 317 12.45 11.04 -21.97
C ASP A 317 11.73 11.55 -20.73
N PRO A 318 12.09 12.69 -20.12
CA PRO A 318 11.29 13.18 -18.99
C PRO A 318 9.82 13.40 -19.34
N THR A 319 9.55 13.99 -20.50
CA THR A 319 8.16 14.23 -20.89
C THR A 319 7.42 12.90 -21.07
N LEU A 320 8.05 11.93 -21.73
CA LEU A 320 7.41 10.65 -21.93
C LEU A 320 7.12 9.95 -20.61
N CYS A 321 8.08 9.96 -19.69
CA CYS A 321 7.87 9.25 -18.44
C CYS A 321 6.83 9.95 -17.58
N VAL A 322 6.81 11.28 -17.57
CA VAL A 322 5.81 11.97 -16.74
C VAL A 322 4.41 11.78 -17.33
N VAL A 323 4.28 11.80 -18.66
CA VAL A 323 2.95 11.59 -19.23
C VAL A 323 2.51 10.15 -19.01
N MET A 324 3.44 9.19 -19.08
CA MET A 324 3.10 7.80 -18.75
C MET A 324 2.65 7.66 -17.30
N VAL A 325 3.34 8.36 -16.38
CA VAL A 325 2.96 8.32 -14.98
C VAL A 325 1.57 8.91 -14.79
N CYS A 326 1.28 10.03 -15.45
CA CYS A 326 -0.04 10.64 -15.32
C CYS A 326 -1.12 9.72 -15.87
N ILE A 327 -0.87 9.09 -17.02
CA ILE A 327 -1.84 8.17 -17.59
C ILE A 327 -2.07 6.98 -16.66
N LEU A 328 -0.99 6.44 -16.09
CA LEU A 328 -1.12 5.33 -15.17
C LEU A 328 -1.94 5.71 -13.96
N LEU A 329 -1.67 6.89 -13.38
CA LEU A 329 -2.41 7.34 -12.21
C LEU A 329 -3.89 7.52 -12.53
N TYR A 330 -4.19 8.13 -13.68
CA TYR A 330 -5.60 8.33 -14.03
C TYR A 330 -6.30 7.01 -14.29
N THR A 331 -5.58 6.02 -14.84
CA THR A 331 -6.21 4.73 -15.10
C THR A 331 -6.40 3.93 -13.83
N THR A 332 -5.48 4.05 -12.86
CA THR A 332 -5.57 3.29 -11.63
C THR A 332 -6.46 3.93 -10.58
N TYR A 333 -6.71 5.24 -10.66
CA TYR A 333 -7.56 5.89 -9.68
C TYR A 333 -8.93 5.24 -9.54
N PRO A 334 -9.66 4.88 -10.60
CA PRO A 334 -10.92 4.15 -10.38
C PRO A 334 -10.72 2.83 -9.67
N LEU A 335 -9.61 2.14 -9.92
CA LEU A 335 -9.34 0.90 -9.19
C LEU A 335 -9.16 1.16 -7.71
N LEU A 336 -8.41 2.20 -7.34
CA LEU A 336 -8.25 2.57 -5.94
C LEU A 336 -9.59 2.93 -5.32
N LYS A 337 -10.41 3.70 -6.05
CA LYS A 337 -11.71 4.11 -5.52
C LYS A 337 -12.60 2.90 -5.27
N GLU A 338 -12.66 1.97 -6.23
CA GLU A 338 -13.47 0.78 -6.07
C GLU A 338 -12.97 -0.08 -4.91
N SER A 339 -11.65 -0.25 -4.81
CA SER A 339 -11.10 -1.06 -3.73
C SER A 339 -11.39 -0.45 -2.38
N ALA A 340 -11.25 0.87 -2.24
CA ALA A 340 -11.54 1.53 -0.98
C ALA A 340 -13.02 1.44 -0.65
N LEU A 341 -13.89 1.68 -1.64
CA LEU A 341 -15.33 1.64 -1.37
C LEU A 341 -15.77 0.26 -0.95
N ILE A 342 -15.27 -0.79 -1.63
CA ILE A 342 -15.64 -2.15 -1.24
C ILE A 342 -15.04 -2.52 0.10
N LEU A 343 -13.82 -2.06 0.37
CA LEU A 343 -13.11 -2.48 1.57
C LEU A 343 -13.59 -1.73 2.81
N LEU A 344 -13.94 -0.46 2.66
CA LEU A 344 -14.38 0.34 3.80
C LEU A 344 -15.82 0.07 4.20
N GLN A 345 -16.42 -1.01 3.68
CA GLN A 345 -17.79 -1.41 4.01
C GLN A 345 -18.78 -0.29 3.66
N THR A 346 -18.81 0.05 2.37
CA THR A 346 -19.77 1.00 1.83
C THR A 346 -20.68 0.28 0.85
N VAL A 347 -21.95 0.66 0.84
CA VAL A 347 -22.91 -0.02 -0.02
C VAL A 347 -22.53 0.19 -1.48
N PRO A 348 -22.44 -0.85 -2.30
CA PRO A 348 -22.03 -0.67 -3.69
C PRO A 348 -23.19 -0.26 -4.59
N LYS A 349 -22.93 -0.20 -5.89
CA LYS A 349 -23.97 0.15 -6.84
C LYS A 349 -25.05 -0.93 -6.88
N GLN A 350 -26.19 -0.57 -7.48
CA GLN A 350 -27.39 -1.40 -7.61
C GLN A 350 -28.08 -1.65 -6.29
N ILE A 351 -27.55 -1.14 -5.18
CA ILE A 351 -28.18 -1.26 -3.87
C ILE A 351 -28.24 0.13 -3.25
N ASP A 352 -29.45 0.57 -2.90
CA ASP A 352 -29.66 1.87 -2.30
C ASP A 352 -30.35 1.71 -0.95
N ILE A 353 -29.83 2.42 0.06
CA ILE A 353 -30.39 2.29 1.40
C ILE A 353 -31.80 2.85 1.46
N ARG A 354 -32.08 3.92 0.72
CA ARG A 354 -33.40 4.53 0.78
C ARG A 354 -34.46 3.61 0.17
N ASN A 355 -34.17 3.03 -1.00
CA ASN A 355 -35.14 2.15 -1.65
C ASN A 355 -35.40 0.91 -0.80
N LEU A 356 -34.35 0.31 -0.24
CA LEU A 356 -34.54 -0.86 0.61
C LEU A 356 -35.30 -0.52 1.88
N ILE A 357 -35.00 0.63 2.48
CA ILE A 357 -35.72 1.06 3.67
C ILE A 357 -37.20 1.26 3.37
N LYS A 358 -37.50 1.87 2.22
CA LYS A 358 -38.90 2.06 1.83
C LYS A 358 -39.59 0.72 1.56
N GLU A 359 -38.90 -0.20 0.87
CA GLU A 359 -39.51 -1.49 0.55
C GLU A 359 -39.65 -2.36 1.78
N LEU A 360 -38.90 -2.09 2.85
CA LEU A 360 -39.07 -2.84 4.07
C LEU A 360 -40.13 -2.22 4.98
N ARG A 361 -40.18 -0.89 5.04
CA ARG A 361 -41.08 -0.22 5.97
C ARG A 361 -42.55 -0.47 5.61
N ASN A 362 -42.88 -0.44 4.32
CA ASN A 362 -44.27 -0.61 3.91
C ASN A 362 -44.78 -2.02 4.15
N VAL A 363 -43.91 -2.99 4.45
CA VAL A 363 -44.35 -4.34 4.76
C VAL A 363 -45.07 -4.33 6.10
N GLU A 364 -46.27 -4.93 6.13
CA GLU A 364 -47.09 -4.90 7.34
C GLU A 364 -46.48 -5.68 8.48
N GLY A 365 -45.57 -6.62 8.20
CA GLY A 365 -45.00 -7.42 9.26
C GLY A 365 -44.14 -6.61 10.22
N VAL A 366 -43.32 -5.72 9.68
CA VAL A 366 -42.38 -4.95 10.49
C VAL A 366 -43.10 -3.73 11.08
N GLU A 367 -42.58 -3.26 12.21
CA GLU A 367 -43.07 -2.03 12.84
C GLU A 367 -42.07 -0.89 12.77
N GLU A 368 -40.77 -1.17 12.91
CA GLU A 368 -39.75 -0.15 12.81
C GLU A 368 -38.44 -0.81 12.42
N VAL A 369 -37.53 0.01 11.87
CA VAL A 369 -36.22 -0.45 11.43
C VAL A 369 -35.16 0.43 12.07
N HIS A 370 -34.16 -0.20 12.68
CA HIS A 370 -33.03 0.53 13.25
C HIS A 370 -31.81 -0.37 13.29
N GLU A 371 -30.63 0.20 13.39
CA GLU A 371 -29.43 -0.62 13.33
C GLU A 371 -29.44 -1.52 12.13
N LEU A 372 -29.35 -0.90 10.96
CA LEU A 372 -29.26 -1.70 9.75
C LEU A 372 -27.91 -1.43 9.09
N HIS A 373 -27.12 -2.49 8.94
CA HIS A 373 -25.77 -2.38 8.39
C HIS A 373 -25.65 -3.23 7.14
N VAL A 374 -25.01 -2.67 6.12
CA VAL A 374 -24.81 -3.35 4.85
C VAL A 374 -23.35 -3.19 4.44
N TRP A 375 -22.63 -4.30 4.31
CA TRP A 375 -21.27 -4.30 3.82
C TRP A 375 -21.08 -5.46 2.84
N GLN A 376 -20.32 -5.23 1.78
CA GLN A 376 -19.99 -6.29 0.86
C GLN A 376 -18.86 -7.14 1.44
N LEU A 377 -18.82 -8.41 1.03
CA LEU A 377 -17.72 -9.28 1.45
C LEU A 377 -16.63 -9.32 0.38
N ALA A 378 -16.97 -9.77 -0.83
CA ALA A 378 -16.03 -9.78 -1.94
C ALA A 378 -16.83 -9.87 -3.23
N GLY A 379 -16.70 -8.86 -4.08
CA GLY A 379 -17.47 -8.86 -5.32
C GLY A 379 -18.96 -8.85 -5.04
N SER A 380 -19.68 -9.79 -5.67
CA SER A 380 -21.12 -9.87 -5.50
C SER A 380 -21.53 -10.36 -4.12
N ARG A 381 -20.60 -10.87 -3.32
CA ARG A 381 -20.92 -11.39 -1.99
C ARG A 381 -21.14 -10.21 -1.05
N ILE A 382 -22.39 -9.99 -0.65
CA ILE A 382 -22.77 -8.88 0.21
C ILE A 382 -23.63 -9.41 1.34
N ILE A 383 -23.44 -8.84 2.53
CA ILE A 383 -24.16 -9.26 3.73
C ILE A 383 -24.78 -8.02 4.38
N ALA A 384 -26.07 -8.12 4.71
CA ALA A 384 -26.80 -7.05 5.36
C ALA A 384 -27.35 -7.55 6.69
N THR A 385 -27.26 -6.71 7.71
CA THR A 385 -27.77 -7.03 9.04
C THR A 385 -28.85 -6.02 9.42
N ALA A 386 -30.00 -6.52 9.83
CA ALA A 386 -31.13 -5.68 10.21
C ALA A 386 -31.60 -6.02 11.61
N HIS A 387 -31.86 -4.98 12.36
CA HIS A 387 -32.42 -5.23 13.64
C HIS A 387 -33.76 -4.53 13.67
N ILE A 388 -34.83 -5.28 13.44
CA ILE A 388 -36.17 -4.77 13.26
C ILE A 388 -37.10 -5.39 14.30
N LYS A 389 -38.21 -4.70 14.55
CA LYS A 389 -39.17 -5.08 15.57
C LYS A 389 -40.45 -5.58 14.91
N CYS A 390 -41.02 -6.64 15.47
CA CYS A 390 -42.24 -7.26 14.95
C CYS A 390 -43.34 -7.20 15.99
N GLU A 391 -44.58 -7.39 15.53
CA GLU A 391 -45.74 -7.24 16.41
C GLU A 391 -45.94 -8.48 17.28
N ASP A 392 -46.17 -9.64 16.65
CA ASP A 392 -46.51 -10.84 17.37
C ASP A 392 -45.67 -12.02 16.90
N PRO A 393 -45.40 -12.98 17.78
CA PRO A 393 -44.64 -14.17 17.35
C PRO A 393 -45.34 -15.00 16.28
N THR A 394 -46.66 -14.94 16.23
CA THR A 394 -47.41 -15.75 15.27
C THR A 394 -47.06 -15.36 13.84
N SER A 395 -46.91 -16.37 12.99
CA SER A 395 -46.58 -16.18 11.58
C SER A 395 -45.26 -15.44 11.39
N TYR A 396 -44.30 -15.67 12.27
CA TYR A 396 -43.01 -15.02 12.14
C TYR A 396 -42.26 -15.49 10.90
N MET A 397 -42.47 -16.76 10.50
CA MET A 397 -41.91 -17.23 9.23
C MET A 397 -42.52 -16.47 8.05
N GLU A 398 -43.83 -16.21 8.11
CA GLU A 398 -44.47 -15.49 7.02
C GLU A 398 -43.84 -14.10 6.85
N VAL A 399 -43.59 -13.41 7.96
CA VAL A 399 -42.88 -12.14 7.90
C VAL A 399 -41.44 -12.36 7.46
N ALA A 400 -40.76 -13.34 8.06
CA ALA A 400 -39.35 -13.58 7.73
C ALA A 400 -39.18 -14.01 6.29
N LYS A 401 -40.04 -14.90 5.80
CA LYS A 401 -39.94 -15.32 4.40
C LYS A 401 -40.20 -14.15 3.46
N THR A 402 -41.17 -13.29 3.79
CA THR A 402 -41.49 -12.16 2.93
C THR A 402 -40.31 -11.19 2.84
N ILE A 403 -39.72 -10.84 3.98
CA ILE A 403 -38.60 -9.90 3.96
C ILE A 403 -37.38 -10.52 3.32
N LYS A 404 -37.18 -11.83 3.51
CA LYS A 404 -36.09 -12.52 2.84
C LYS A 404 -36.27 -12.49 1.33
N ASP A 405 -37.50 -12.70 0.85
CA ASP A 405 -37.77 -12.62 -0.57
C ASP A 405 -37.56 -11.21 -1.11
N VAL A 406 -37.96 -10.20 -0.34
CA VAL A 406 -37.76 -8.82 -0.76
C VAL A 406 -36.26 -8.52 -0.89
N PHE A 407 -35.46 -8.97 0.08
CA PHE A 407 -34.02 -8.77 -0.01
C PHE A 407 -33.42 -9.55 -1.18
N HIS A 408 -33.92 -10.76 -1.43
CA HIS A 408 -33.44 -11.52 -2.58
C HIS A 408 -33.81 -10.85 -3.89
N ASN A 409 -34.90 -10.07 -3.91
CA ASN A 409 -35.24 -9.29 -5.10
C ASN A 409 -34.13 -8.29 -5.41
N HIS A 410 -33.58 -7.67 -4.39
CA HIS A 410 -32.41 -6.80 -4.55
C HIS A 410 -31.15 -7.66 -4.57
N GLY A 411 -29.99 -7.03 -4.46
CA GLY A 411 -28.73 -7.75 -4.50
C GLY A 411 -28.46 -8.63 -3.29
N ILE A 412 -29.23 -8.45 -2.21
CA ILE A 412 -29.01 -9.23 -1.00
C ILE A 412 -29.31 -10.69 -1.26
N HIS A 413 -28.42 -11.57 -0.81
CA HIS A 413 -28.65 -13.00 -0.87
C HIS A 413 -28.46 -13.65 0.50
N ALA A 414 -27.54 -13.10 1.28
CA ALA A 414 -27.27 -13.60 2.63
C ALA A 414 -27.45 -12.46 3.61
N THR A 415 -28.16 -12.71 4.71
CA THR A 415 -28.46 -11.67 5.67
C THR A 415 -28.75 -12.30 7.03
N THR A 416 -28.68 -11.45 8.06
CA THR A 416 -29.02 -11.84 9.43
C THR A 416 -29.95 -10.76 9.97
N ILE A 417 -31.25 -11.04 9.93
CA ILE A 417 -32.28 -10.07 10.30
C ILE A 417 -32.79 -10.46 11.68
N GLN A 418 -32.64 -9.57 12.65
CA GLN A 418 -32.96 -9.89 14.04
C GLN A 418 -34.37 -9.43 14.38
N PRO A 419 -35.30 -10.35 14.63
CA PRO A 419 -36.62 -9.93 15.13
C PRO A 419 -36.52 -9.36 16.53
N GLU A 420 -37.45 -8.46 16.83
CA GLU A 420 -37.45 -7.80 18.12
C GLU A 420 -38.89 -7.76 18.61
N PHE A 421 -39.11 -7.98 19.91
CA PHE A 421 -40.44 -8.07 20.48
C PHE A 421 -40.60 -7.04 21.59
N ALA A 422 -41.84 -6.62 21.81
CA ALA A 422 -42.14 -5.65 22.87
C ALA A 422 -42.53 -6.36 24.15
N VAL A 430 -40.93 2.68 21.80
CA VAL A 430 -40.44 3.85 22.53
C VAL A 430 -38.92 3.82 22.60
N VAL A 431 -38.38 2.76 23.20
CA VAL A 431 -36.94 2.59 23.34
C VAL A 431 -36.33 2.38 21.95
N PRO A 432 -35.12 2.89 21.71
CA PRO A 432 -34.49 2.66 20.40
C PRO A 432 -34.27 1.19 20.08
N CYS A 433 -33.96 0.37 21.07
CA CYS A 433 -33.77 -1.06 20.87
C CYS A 433 -34.03 -1.78 22.18
N GLU A 434 -34.76 -2.89 22.11
CA GLU A 434 -35.04 -3.68 23.30
C GLU A 434 -33.77 -4.22 23.92
N LEU A 435 -32.86 -4.72 23.08
CA LEU A 435 -31.58 -5.22 23.54
C LEU A 435 -30.53 -4.14 23.46
N ALA A 436 -29.58 -4.17 24.39
CA ALA A 436 -28.51 -3.18 24.44
C ALA A 436 -27.34 -3.74 25.23
N CYS A 437 -26.21 -3.07 25.14
CA CYS A 437 -25.04 -3.45 25.93
C CYS A 437 -25.33 -3.25 27.41
N ARG A 438 -24.65 -4.01 28.25
CA ARG A 438 -24.86 -3.94 29.69
C ARG A 438 -24.57 -2.53 30.20
N THR A 439 -25.42 -2.07 31.12
CA THR A 439 -25.34 -0.72 31.67
C THR A 439 -25.50 0.33 30.57
N GLN A 440 -25.20 1.59 30.89
CA GLN A 440 -25.36 2.70 29.95
C GLN A 440 -24.09 2.97 29.14
N CYS A 441 -23.22 1.98 28.99
CA CYS A 441 -21.99 2.17 28.23
C CYS A 441 -22.29 2.43 26.76
N ALA A 442 -21.68 3.48 26.23
CA ALA A 442 -21.86 3.87 24.83
C ALA A 442 -20.49 3.94 24.16
N LEU A 443 -20.49 4.37 22.90
CA LEU A 443 -19.31 4.48 22.04
C LEU A 443 -18.70 3.12 21.70
N LYS A 444 -19.37 2.02 22.04
CA LYS A 444 -18.97 0.71 21.56
C LYS A 444 -19.92 0.11 20.54
N GLN A 445 -21.17 0.52 20.52
CA GLN A 445 -22.12 0.05 19.52
C GLN A 445 -21.73 0.57 18.14
N CYS A 446 -22.09 -0.21 17.12
CA CYS A 446 -21.74 0.16 15.76
C CYS A 446 -22.44 1.44 15.33
N CYS A 447 -21.71 2.28 14.60
CA CYS A 447 -22.19 3.57 14.09
C CYS A 447 -22.97 4.36 15.13
N LEU B 11 -0.25 21.34 16.28
CA LEU B 11 0.00 20.12 15.50
C LEU B 11 -0.08 20.41 14.00
N LEU B 12 -1.12 21.14 13.60
CA LEU B 12 -1.27 21.49 12.19
C LEU B 12 -0.12 22.37 11.71
N CYS B 13 0.26 23.36 12.51
CA CYS B 13 1.44 24.17 12.20
C CYS B 13 2.70 23.31 12.23
N MET B 14 2.80 22.41 13.21
CA MET B 14 3.93 21.48 13.26
C MET B 14 3.93 20.57 12.03
N LEU B 15 2.74 20.11 11.62
CA LEU B 15 2.65 19.27 10.43
C LEU B 15 3.13 20.03 9.19
N ALA B 16 2.73 21.29 9.05
CA ALA B 16 3.16 22.08 7.91
C ALA B 16 4.66 22.32 7.94
N LEU B 17 5.22 22.61 9.12
CA LEU B 17 6.66 22.80 9.23
C LEU B 17 7.42 21.53 8.87
N THR B 18 6.94 20.38 9.34
CA THR B 18 7.58 19.11 9.01
C THR B 18 7.49 18.82 7.52
N PHE B 19 6.33 19.14 6.91
CA PHE B 19 6.20 18.95 5.47
C PHE B 19 7.17 19.82 4.69
N MET B 20 7.31 21.08 5.09
CA MET B 20 8.26 21.97 4.43
C MET B 20 9.68 21.46 4.60
N PHE B 21 10.03 21.01 5.81
CA PHE B 21 11.37 20.47 6.04
C PHE B 21 11.61 19.23 5.19
N MET B 22 10.59 18.37 5.05
CA MET B 22 10.72 17.19 4.22
C MET B 22 10.93 17.56 2.75
N VAL B 23 10.23 18.59 2.28
CA VAL B 23 10.41 19.04 0.90
C VAL B 23 11.84 19.55 0.69
N LEU B 24 12.33 20.36 1.61
CA LEU B 24 13.70 20.86 1.51
C LEU B 24 14.71 19.72 1.58
N GLU B 25 14.47 18.74 2.45
CA GLU B 25 15.37 17.60 2.56
C GLU B 25 15.40 16.78 1.27
N VAL B 26 14.23 16.57 0.66
CA VAL B 26 14.17 15.84 -0.60
C VAL B 26 14.90 16.60 -1.68
N VAL B 27 14.72 17.93 -1.73
CA VAL B 27 15.41 18.73 -2.73
C VAL B 27 16.93 18.66 -2.53
N VAL B 28 17.37 18.74 -1.28
CA VAL B 28 18.80 18.67 -0.99
C VAL B 28 19.36 17.31 -1.38
N SER B 29 18.64 16.24 -1.07
CA SER B 29 19.09 14.91 -1.43
C SER B 29 19.18 14.74 -2.95
N ARG B 30 18.19 15.28 -3.67
CA ARG B 30 18.24 15.23 -5.13
C ARG B 30 19.43 16.01 -5.66
N VAL B 31 19.71 17.19 -5.08
CA VAL B 31 20.83 18.00 -5.53
C VAL B 31 22.18 17.47 -5.07
N THR B 32 22.20 16.51 -4.14
CA THR B 32 23.45 15.98 -3.62
C THR B 32 23.58 14.47 -3.75
N SER B 33 22.54 13.76 -4.21
CA SER B 33 22.58 12.31 -4.37
C SER B 33 22.97 11.60 -3.08
N SER B 34 22.42 12.07 -1.97
CA SER B 34 22.70 11.50 -0.66
C SER B 34 21.64 10.45 -0.34
N LEU B 35 22.04 9.18 -0.33
CA LEU B 35 21.09 8.11 -0.04
C LEU B 35 20.57 8.20 1.39
N ALA B 36 21.44 8.51 2.35
CA ALA B 36 20.99 8.63 3.73
C ALA B 36 20.01 9.78 3.90
N MET B 37 20.29 10.93 3.27
CA MET B 37 19.35 12.04 3.30
C MET B 37 18.04 11.66 2.61
N LEU B 38 18.11 10.88 1.53
CA LEU B 38 16.91 10.42 0.86
C LEU B 38 16.08 9.54 1.79
N SER B 39 16.72 8.64 2.53
CA SER B 39 15.99 7.80 3.48
C SER B 39 15.38 8.62 4.60
N ASP B 40 16.11 9.61 5.11
CA ASP B 40 15.56 10.47 6.15
C ASP B 40 14.35 11.25 5.64
N SER B 41 14.44 11.77 4.41
CA SER B 41 13.31 12.48 3.83
C SER B 41 12.13 11.55 3.58
N PHE B 42 12.40 10.30 3.20
CA PHE B 42 11.32 9.33 3.04
C PHE B 42 10.62 9.06 4.36
N HIS B 43 11.39 8.91 5.44
CA HIS B 43 10.79 8.70 6.75
C HIS B 43 9.97 9.92 7.17
N MET B 44 10.49 11.11 6.93
CA MET B 44 9.74 12.33 7.27
C MET B 44 8.45 12.42 6.45
N LEU B 45 8.52 12.04 5.18
CA LEU B 45 7.33 12.06 4.33
C LEU B 45 6.29 11.07 4.82
N SER B 46 6.75 9.87 5.23
CA SER B 46 5.84 8.90 5.81
C SER B 46 5.17 9.45 7.06
N ASP B 47 5.96 10.09 7.93
CA ASP B 47 5.40 10.64 9.16
C ASP B 47 4.39 11.75 8.88
N VAL B 48 4.69 12.63 7.91
CA VAL B 48 3.78 13.74 7.65
C VAL B 48 2.49 13.23 6.99
N LEU B 49 2.59 12.23 6.12
CA LEU B 49 1.37 11.61 5.59
C LEU B 49 0.58 10.90 6.67
N ALA B 50 1.26 10.29 7.64
CA ALA B 50 0.54 9.71 8.77
C ALA B 50 -0.22 10.77 9.55
N LEU B 51 0.42 11.92 9.77
CA LEU B 51 -0.26 13.03 10.45
C LEU B 51 -1.45 13.54 9.64
N VAL B 52 -1.30 13.62 8.32
CA VAL B 52 -2.40 14.07 7.47
C VAL B 52 -3.56 13.08 7.56
N VAL B 53 -3.24 11.79 7.53
CA VAL B 53 -4.29 10.77 7.63
C VAL B 53 -5.00 10.87 8.98
N ALA B 54 -4.24 11.09 10.05
CA ALA B 54 -4.84 11.23 11.37
C ALA B 54 -5.76 12.44 11.43
N LEU B 55 -5.32 13.56 10.85
CA LEU B 55 -6.15 14.76 10.84
C LEU B 55 -7.42 14.54 10.03
N VAL B 56 -7.30 13.86 8.88
CA VAL B 56 -8.47 13.57 8.06
C VAL B 56 -9.45 12.67 8.81
N ALA B 57 -8.93 11.66 9.50
CA ALA B 57 -9.78 10.78 10.28
C ALA B 57 -10.48 11.54 11.41
N GLU B 58 -9.76 12.43 12.08
CA GLU B 58 -10.36 13.22 13.14
C GLU B 58 -11.46 14.12 12.60
N ARG B 59 -11.23 14.76 11.45
CA ARG B 59 -12.25 15.59 10.84
C ARG B 59 -13.47 14.78 10.43
N PHE B 60 -13.25 13.58 9.88
CA PHE B 60 -14.36 12.75 9.45
C PHE B 60 -15.17 12.24 10.64
N ALA B 61 -14.50 11.88 11.73
CA ALA B 61 -15.16 11.35 12.91
C ALA B 61 -15.65 12.45 13.85
N ARG B 62 -15.37 13.71 13.56
CA ARG B 62 -15.89 14.80 14.38
C ARG B 62 -17.42 14.84 14.33
N ARG B 63 -17.99 14.63 13.14
CA ARG B 63 -19.44 14.61 12.95
C ARG B 63 -19.84 13.40 12.12
N THR B 64 -19.30 12.24 12.48
CA THR B 64 -19.60 11.01 11.75
C THR B 64 -21.05 10.59 12.00
N HIS B 65 -21.75 10.25 10.93
CA HIS B 65 -23.15 9.83 11.01
C HIS B 65 -23.38 8.72 9.98
N ALA B 66 -24.59 8.19 9.97
CA ALA B 66 -24.97 7.10 9.07
C ALA B 66 -25.38 7.71 7.73
N THR B 67 -24.36 8.09 6.95
CA THR B 67 -24.60 8.63 5.62
C THR B 67 -25.11 7.55 4.67
N GLN B 68 -25.71 8.00 3.57
CA GLN B 68 -26.21 7.06 2.58
C GLN B 68 -25.09 6.25 1.95
N LYS B 69 -23.88 6.81 1.86
CA LYS B 69 -22.75 6.07 1.32
C LYS B 69 -22.38 4.88 2.21
N ASN B 70 -22.37 5.08 3.52
CA ASN B 70 -22.00 4.03 4.46
C ASN B 70 -22.95 4.07 5.66
N THR B 71 -23.76 3.03 5.79
CA THR B 71 -24.59 2.89 6.99
C THR B 71 -23.73 2.63 8.22
N PHE B 72 -22.66 1.83 8.06
CA PHE B 72 -21.80 1.50 9.19
C PHE B 72 -20.93 2.65 9.65
N GLY B 73 -20.88 3.74 8.90
CA GLY B 73 -20.05 4.88 9.25
C GLY B 73 -18.62 4.74 8.75
N TRP B 74 -17.91 5.87 8.75
CA TRP B 74 -16.55 5.94 8.22
C TRP B 74 -15.50 5.86 9.32
N ILE B 75 -15.82 5.18 10.43
CA ILE B 75 -14.88 5.12 11.56
C ILE B 75 -13.64 4.29 11.22
N ARG B 76 -13.73 3.38 10.25
CA ARG B 76 -12.59 2.58 9.82
C ARG B 76 -11.55 3.39 9.06
N ALA B 77 -11.87 4.64 8.72
CA ALA B 77 -10.95 5.45 7.91
C ALA B 77 -9.59 5.61 8.58
N GLU B 78 -9.56 5.70 9.91
CA GLU B 78 -8.29 5.90 10.61
C GLU B 78 -7.35 4.72 10.38
N VAL B 79 -7.82 3.50 10.65
CA VAL B 79 -6.96 2.32 10.49
C VAL B 79 -6.65 2.10 9.01
N MET B 80 -7.60 2.39 8.12
CA MET B 80 -7.32 2.20 6.70
C MET B 80 -6.24 3.16 6.23
N GLY B 81 -6.31 4.42 6.65
CA GLY B 81 -5.26 5.36 6.30
C GLY B 81 -3.93 5.00 6.91
N ALA B 82 -3.95 4.45 8.13
CA ALA B 82 -2.70 3.98 8.73
C ALA B 82 -2.08 2.86 7.90
N LEU B 83 -2.91 1.93 7.43
CA LEU B 83 -2.40 0.85 6.60
C LEU B 83 -1.88 1.38 5.27
N VAL B 84 -2.57 2.35 4.67
CA VAL B 84 -2.08 2.95 3.43
C VAL B 84 -0.74 3.62 3.64
N ASN B 85 -0.58 4.35 4.75
CA ASN B 85 0.69 4.98 5.05
C ASN B 85 1.79 3.95 5.24
N ALA B 86 1.48 2.85 5.94
CA ALA B 86 2.47 1.80 6.14
C ALA B 86 2.90 1.18 4.82
N ILE B 87 1.93 0.89 3.93
CA ILE B 87 2.25 0.30 2.64
C ILE B 87 3.07 1.27 1.80
N PHE B 88 2.73 2.55 1.83
CA PHE B 88 3.51 3.55 1.11
C PHE B 88 4.93 3.62 1.63
N LEU B 89 5.09 3.57 2.95
CA LEU B 89 6.44 3.58 3.53
C LEU B 89 7.23 2.35 3.09
N THR B 90 6.58 1.18 3.06
CA THR B 90 7.27 -0.02 2.61
C THR B 90 7.68 0.08 1.15
N GLY B 91 6.80 0.63 0.31
CA GLY B 91 7.16 0.81 -1.09
C GLY B 91 8.33 1.76 -1.27
N LEU B 92 8.31 2.89 -0.56
CA LEU B 92 9.44 3.81 -0.61
C LEU B 92 10.71 3.15 -0.10
N CYS B 93 10.60 2.33 0.94
CA CYS B 93 11.77 1.63 1.47
C CYS B 93 12.34 0.65 0.46
N PHE B 94 11.47 -0.06 -0.27
CA PHE B 94 11.96 -0.98 -1.29
C PHE B 94 12.61 -0.22 -2.44
N ALA B 95 12.05 0.95 -2.80
CA ALA B 95 12.70 1.79 -3.79
C ALA B 95 14.08 2.23 -3.32
N ILE B 96 14.19 2.61 -2.04
CA ILE B 96 15.47 3.01 -1.49
C ILE B 96 16.45 1.83 -1.48
N LEU B 97 15.95 0.64 -1.20
CA LEU B 97 16.81 -0.55 -1.23
C LEU B 97 17.32 -0.82 -2.63
N LEU B 98 16.46 -0.65 -3.64
CA LEU B 98 16.92 -0.79 -5.03
C LEU B 98 17.96 0.26 -5.36
N GLU B 99 17.75 1.49 -4.89
CA GLU B 99 18.75 2.54 -5.11
C GLU B 99 20.07 2.20 -4.43
N ALA B 100 20.01 1.62 -3.23
CA ALA B 100 21.22 1.21 -2.54
C ALA B 100 21.94 0.09 -3.28
N ILE B 101 21.18 -0.85 -3.85
CA ILE B 101 21.79 -1.90 -4.66
C ILE B 101 22.48 -1.28 -5.88
N GLU B 102 21.83 -0.30 -6.51
CA GLU B 102 22.44 0.40 -7.63
C GLU B 102 23.72 1.11 -7.20
N ARG B 103 23.71 1.73 -6.01
CA ARG B 103 24.90 2.39 -5.50
C ARG B 103 26.02 1.38 -5.27
N PHE B 104 25.67 0.19 -4.77
CA PHE B 104 26.65 -0.89 -4.71
C PHE B 104 27.22 -1.18 -6.09
N ILE B 105 26.35 -1.27 -7.10
CA ILE B 105 26.82 -1.48 -8.47
C ILE B 105 27.55 -0.24 -8.99
N GLU B 106 26.96 0.94 -8.78
CA GLU B 106 27.50 2.21 -9.27
C GLU B 106 27.64 3.19 -8.12
N PRO B 107 28.81 3.22 -7.46
CA PRO B 107 29.00 4.16 -6.36
C PRO B 107 29.03 5.60 -6.84
N HIS B 108 28.63 6.50 -5.93
CA HIS B 108 28.62 7.93 -6.20
C HIS B 108 29.23 8.67 -5.02
N GLU B 109 29.76 9.86 -5.29
CA GLU B 109 30.47 10.66 -4.30
C GLU B 109 29.74 11.97 -4.12
N MET B 110 29.41 12.30 -2.87
CA MET B 110 28.59 13.47 -2.57
C MET B 110 29.38 14.77 -2.75
N GLN B 111 28.65 15.88 -2.85
CA GLN B 111 29.27 17.16 -3.15
C GLN B 111 29.61 17.95 -1.89
N GLN B 112 28.61 18.29 -1.09
CA GLN B 112 28.79 19.17 0.06
C GLN B 112 28.41 18.45 1.35
N PRO B 113 29.37 17.84 2.06
CA PRO B 113 29.04 17.21 3.34
C PRO B 113 28.54 18.18 4.39
N LEU B 114 28.94 19.46 4.32
CA LEU B 114 28.50 20.44 5.32
C LEU B 114 27.00 20.65 5.25
N VAL B 115 26.44 20.73 4.04
CA VAL B 115 25.00 20.90 3.88
C VAL B 115 24.27 19.68 4.43
N VAL B 116 24.80 18.48 4.18
CA VAL B 116 24.19 17.27 4.71
C VAL B 116 24.22 17.26 6.22
N LEU B 117 25.34 17.68 6.81
CA LEU B 117 25.44 17.72 8.27
C LEU B 117 24.44 18.72 8.86
N GLY B 118 24.31 19.89 8.24
CA GLY B 118 23.34 20.86 8.70
C GLY B 118 21.91 20.35 8.59
N VAL B 119 21.59 19.68 7.48
CA VAL B 119 20.27 19.13 7.30
C VAL B 119 19.99 18.05 8.35
N GLY B 120 20.99 17.23 8.65
CA GLY B 120 20.82 16.22 9.68
C GLY B 120 20.63 16.81 11.06
N VAL B 121 21.37 17.88 11.37
CA VAL B 121 21.18 18.55 12.66
C VAL B 121 19.78 19.13 12.76
N ALA B 122 19.31 19.77 11.68
CA ALA B 122 17.95 20.31 11.68
C ALA B 122 16.92 19.20 11.81
N GLY B 123 17.15 18.05 11.16
CA GLY B 123 16.24 16.93 11.30
C GLY B 123 16.19 16.40 12.72
N LEU B 124 17.35 16.31 13.37
CA LEU B 124 17.37 15.90 14.77
C LEU B 124 16.61 16.89 15.64
N LEU B 125 16.80 18.19 15.39
CA LEU B 125 16.10 19.20 16.18
C LEU B 125 14.58 19.11 15.99
N VAL B 126 14.13 18.97 14.75
CA VAL B 126 12.69 18.88 14.52
C VAL B 126 12.12 17.58 15.06
N ASN B 127 12.87 16.48 14.99
CA ASN B 127 12.41 15.22 15.58
C ASN B 127 12.28 15.37 17.10
N VAL B 128 13.22 16.06 17.73
CA VAL B 128 13.12 16.30 19.18
C VAL B 128 11.90 17.17 19.47
N LEU B 129 11.67 18.20 18.66
CA LEU B 129 10.58 19.13 18.89
C LEU B 129 9.22 18.48 18.64
N GLY B 130 9.19 17.42 17.82
CA GLY B 130 7.96 16.77 17.46
C GLY B 130 7.13 16.24 18.62
N LEU B 131 7.69 15.31 19.39
CA LEU B 131 6.96 14.67 20.47
C LEU B 131 6.99 15.47 21.77
N CYS B 132 7.68 16.61 21.80
CA CYS B 132 7.73 17.40 23.02
C CYS B 132 6.35 17.95 23.39
N LEU B 133 5.59 18.41 22.41
CA LEU B 133 4.27 18.98 22.65
C LEU B 133 3.27 17.89 23.02
N GLN B 242 1.54 14.93 28.45
CA GLN B 242 0.45 14.78 27.50
C GLN B 242 0.46 13.39 26.86
N LEU B 243 -0.62 13.08 26.14
CA LEU B 243 -0.70 11.78 25.48
C LEU B 243 0.31 11.66 24.36
N ASN B 244 0.62 12.76 23.67
CA ASN B 244 1.52 12.70 22.53
C ASN B 244 2.92 12.25 22.93
N MET B 245 3.44 12.76 24.05
CA MET B 245 4.79 12.42 24.47
C MET B 245 4.91 10.92 24.76
N ARG B 246 3.99 10.39 25.59
CA ARG B 246 4.04 8.98 25.92
C ARG B 246 3.80 8.12 24.68
N GLY B 247 2.89 8.55 23.81
CA GLY B 247 2.60 7.76 22.62
C GLY B 247 3.75 7.70 21.63
N VAL B 248 4.48 8.81 21.48
CA VAL B 248 5.46 8.92 20.41
C VAL B 248 6.88 9.07 20.94
N PHE B 249 7.14 8.68 22.20
CA PHE B 249 8.52 8.64 22.68
C PHE B 249 9.36 7.68 21.85
N LEU B 250 8.82 6.49 21.56
CA LEU B 250 9.55 5.52 20.74
C LEU B 250 9.77 6.05 19.33
N HIS B 251 8.76 6.70 18.75
CA HIS B 251 8.92 7.29 17.42
C HIS B 251 9.99 8.38 17.42
N VAL B 252 10.00 9.22 18.46
CA VAL B 252 11.01 10.28 18.55
C VAL B 252 12.40 9.67 18.67
N LEU B 253 12.55 8.62 19.48
CA LEU B 253 13.84 7.97 19.62
C LEU B 253 14.30 7.36 18.29
N GLY B 254 13.37 6.72 17.57
CA GLY B 254 13.73 6.13 16.28
C GLY B 254 14.12 7.18 15.25
N ASP B 255 13.37 8.28 15.20
CA ASP B 255 13.71 9.37 14.27
C ASP B 255 15.05 9.99 14.63
N ALA B 256 15.32 10.15 15.93
CA ALA B 256 16.61 10.68 16.36
C ALA B 256 17.75 9.74 15.94
N LEU B 257 17.56 8.43 16.10
CA LEU B 257 18.57 7.48 15.67
C LEU B 257 18.78 7.56 14.16
N GLY B 258 17.69 7.65 13.39
CA GLY B 258 17.81 7.74 11.95
C GLY B 258 18.56 8.99 11.52
N SER B 259 18.24 10.13 12.14
CA SER B 259 18.95 11.37 11.82
C SER B 259 20.42 11.28 12.24
N VAL B 260 20.70 10.66 13.39
CA VAL B 260 22.06 10.53 13.86
C VAL B 260 22.88 9.67 12.91
N ILE B 261 22.24 8.66 12.31
CA ILE B 261 22.94 7.82 11.34
C ILE B 261 23.42 8.66 10.16
N VAL B 262 22.53 9.49 9.63
CA VAL B 262 22.91 10.36 8.52
C VAL B 262 23.99 11.34 8.95
N VAL B 263 23.87 11.89 10.16
CA VAL B 263 24.83 12.86 10.65
C VAL B 263 26.22 12.25 10.76
N VAL B 264 26.31 11.04 11.34
CA VAL B 264 27.60 10.40 11.53
C VAL B 264 28.17 9.97 10.18
N ASN B 265 27.31 9.52 9.25
CA ASN B 265 27.80 9.18 7.93
C ASN B 265 28.41 10.40 7.23
N ALA B 266 27.71 11.53 7.29
CA ALA B 266 28.24 12.75 6.69
C ALA B 266 29.52 13.20 7.35
N LEU B 267 29.59 13.09 8.69
CA LEU B 267 30.80 13.49 9.40
C LEU B 267 31.98 12.61 9.02
N VAL B 268 31.76 11.30 8.94
CA VAL B 268 32.83 10.39 8.55
C VAL B 268 33.28 10.67 7.13
N PHE B 269 32.33 10.98 6.23
CA PHE B 269 32.69 11.34 4.87
C PHE B 269 33.54 12.59 4.85
N TYR B 270 33.17 13.61 5.61
CA TYR B 270 33.91 14.87 5.59
C TYR B 270 35.22 14.79 6.37
N PHE B 271 35.31 13.88 7.35
CA PHE B 271 36.46 13.88 8.25
C PHE B 271 37.71 13.31 7.57
N SER B 272 37.54 12.30 6.71
CA SER B 272 38.69 11.56 6.21
C SER B 272 38.83 11.56 4.69
N TRP B 273 37.74 11.75 3.94
CA TRP B 273 37.81 11.64 2.49
C TRP B 273 38.69 12.72 1.89
N LYS B 274 39.43 12.35 0.84
CA LYS B 274 40.24 13.28 0.07
C LYS B 274 39.83 13.16 -1.39
N GLY B 275 39.36 14.26 -1.95
CA GLY B 275 38.86 14.29 -3.32
C GLY B 275 39.81 14.99 -4.26
N CYS B 276 39.80 14.57 -5.53
CA CYS B 276 40.65 15.15 -6.56
C CYS B 276 39.87 16.28 -7.25
N SER B 277 39.69 17.38 -6.51
CA SER B 277 39.03 18.54 -7.09
C SER B 277 39.84 19.13 -8.23
N GLU B 278 41.16 19.23 -8.05
CA GLU B 278 42.07 19.67 -9.09
C GLU B 278 42.78 18.46 -9.69
N GLY B 279 43.76 18.72 -10.54
CA GLY B 279 44.53 17.65 -11.14
C GLY B 279 45.38 16.89 -10.15
N ASP B 280 44.99 15.65 -9.84
CA ASP B 280 45.71 14.82 -8.89
C ASP B 280 45.36 13.37 -9.15
N PHE B 281 46.16 12.48 -8.57
CA PHE B 281 46.00 11.05 -8.77
C PHE B 281 45.16 10.38 -7.68
N CYS B 282 44.59 11.16 -6.76
CA CYS B 282 43.80 10.57 -5.68
C CYS B 282 42.51 9.96 -6.14
N VAL B 283 42.08 10.24 -7.37
CA VAL B 283 40.84 9.68 -7.90
C VAL B 283 40.99 8.17 -8.06
N ASN B 284 40.04 7.42 -7.51
CA ASN B 284 40.09 5.97 -7.56
C ASN B 284 39.78 5.48 -8.97
N PRO B 285 40.67 4.72 -9.62
CA PRO B 285 40.34 4.17 -10.94
C PRO B 285 39.13 3.26 -10.91
N CYS B 286 38.94 2.50 -9.83
CA CYS B 286 37.74 1.68 -9.71
C CYS B 286 36.49 2.56 -9.65
N PHE B 287 36.57 3.68 -8.96
CA PHE B 287 35.49 4.65 -9.00
C PHE B 287 35.32 5.18 -10.42
N PRO B 288 34.10 5.36 -10.90
CA PRO B 288 33.91 5.88 -12.26
C PRO B 288 34.55 7.25 -12.41
N ASP B 289 35.14 7.47 -13.58
CA ASP B 289 35.86 8.71 -13.87
C ASP B 289 35.36 9.27 -15.20
N PRO B 290 35.41 10.59 -15.37
CA PRO B 290 34.94 11.19 -16.64
C PRO B 290 35.84 10.81 -17.80
N CYS B 291 35.33 9.97 -18.70
CA CYS B 291 36.06 9.52 -19.89
C CYS B 291 37.42 8.93 -19.51
N LYS B 292 37.43 8.15 -18.43
CA LYS B 292 38.66 7.52 -17.91
C LYS B 292 39.71 8.59 -17.62
N ALA B 293 39.38 9.47 -16.68
CA ALA B 293 40.20 10.65 -16.37
C ALA B 293 40.44 11.48 -17.62
N PHE B 294 39.38 11.63 -18.43
CA PHE B 294 39.45 12.30 -19.73
C PHE B 294 40.49 11.65 -20.62
N VAL B 295 40.43 10.31 -20.71
CA VAL B 295 41.35 9.50 -21.48
C VAL B 295 42.78 9.79 -21.04
N GLU B 296 43.02 9.75 -19.74
CA GLU B 296 44.32 10.06 -19.14
C GLU B 296 44.81 11.43 -19.63
N ILE B 297 44.06 12.46 -19.21
CA ILE B 297 44.28 13.81 -19.72
C ILE B 297 45.69 14.28 -19.41
N ILE B 298 46.15 14.07 -18.17
CA ILE B 298 47.49 14.50 -17.80
C ILE B 298 48.54 13.68 -18.56
N ASN B 299 48.28 12.38 -18.75
CA ASN B 299 49.19 11.48 -19.46
C ASN B 299 50.58 11.49 -18.82
N SER B 300 50.63 11.61 -17.51
CA SER B 300 51.88 11.66 -16.76
C SER B 300 51.59 11.32 -15.30
N THR B 301 52.58 11.53 -14.44
CA THR B 301 52.43 11.24 -13.01
C THR B 301 51.76 12.43 -12.34
N HIS B 302 50.53 12.25 -11.87
CA HIS B 302 49.80 13.29 -11.19
C HIS B 302 50.11 13.27 -9.70
N ALA B 303 49.48 14.16 -8.95
CA ALA B 303 49.68 14.23 -7.51
C ALA B 303 48.95 13.07 -6.83
N SER B 304 49.71 12.13 -6.28
CA SER B 304 49.15 10.95 -5.62
C SER B 304 48.72 11.32 -4.20
N VAL B 305 47.67 12.13 -4.13
CA VAL B 305 47.13 12.56 -2.85
C VAL B 305 46.42 11.42 -2.12
N TYR B 306 46.12 10.33 -2.81
CA TYR B 306 45.46 9.14 -2.26
C TYR B 306 44.02 9.43 -1.86
N GLU B 307 43.19 8.39 -1.88
CA GLU B 307 41.77 8.52 -1.56
C GLU B 307 41.47 8.31 -0.08
N ALA B 308 42.49 8.04 0.73
CA ALA B 308 42.34 7.85 2.18
C ALA B 308 41.34 6.74 2.49
N GLY B 309 41.60 5.57 1.92
CA GLY B 309 40.77 4.41 2.12
C GLY B 309 39.38 4.57 1.54
N PRO B 310 39.29 4.63 0.21
CA PRO B 310 37.97 4.81 -0.42
C PRO B 310 36.99 3.69 -0.09
N CYS B 311 37.49 2.45 0.02
CA CYS B 311 36.61 1.35 0.40
C CYS B 311 36.04 1.57 1.81
N TRP B 312 36.87 2.03 2.73
CA TRP B 312 36.38 2.36 4.07
C TRP B 312 35.42 3.53 4.05
N VAL B 313 35.51 4.39 3.04
CA VAL B 313 34.75 5.64 3.01
C VAL B 313 33.49 5.46 2.17
N LEU B 314 33.65 5.11 0.89
CA LEU B 314 32.50 5.07 -0.01
C LEU B 314 31.47 4.04 0.42
N TYR B 315 31.90 2.98 1.11
CA TYR B 315 30.96 1.96 1.59
C TYR B 315 30.13 2.42 2.77
N LEU B 316 30.50 3.54 3.41
CA LEU B 316 29.83 3.95 4.64
C LEU B 316 28.36 4.30 4.39
N ASP B 317 28.10 5.16 3.40
CA ASP B 317 26.73 5.60 3.15
C ASP B 317 25.80 4.47 2.74
N PRO B 318 26.14 3.59 1.79
CA PRO B 318 25.20 2.52 1.44
C PRO B 318 24.94 1.56 2.59
N THR B 319 25.98 1.18 3.33
CA THR B 319 25.76 0.31 4.48
C THR B 319 24.90 0.98 5.53
N LEU B 320 25.13 2.27 5.76
CA LEU B 320 24.33 3.01 6.75
C LEU B 320 22.87 3.07 6.33
N CYS B 321 22.60 3.38 5.06
CA CYS B 321 21.21 3.47 4.63
C CYS B 321 20.54 2.11 4.62
N VAL B 322 21.29 1.06 4.29
CA VAL B 322 20.73 -0.29 4.36
C VAL B 322 20.36 -0.64 5.79
N VAL B 323 21.23 -0.31 6.75
CA VAL B 323 20.92 -0.56 8.15
C VAL B 323 19.69 0.25 8.57
N MET B 324 19.63 1.51 8.14
CA MET B 324 18.51 2.36 8.51
C MET B 324 17.18 1.82 7.98
N VAL B 325 17.15 1.40 6.71
CA VAL B 325 15.92 0.87 6.15
C VAL B 325 15.56 -0.47 6.79
N CYS B 326 16.57 -1.28 7.12
CA CYS B 326 16.28 -2.52 7.82
C CYS B 326 15.63 -2.25 9.17
N ILE B 327 16.16 -1.27 9.91
CA ILE B 327 15.57 -0.90 11.20
C ILE B 327 14.16 -0.36 10.99
N LEU B 328 13.96 0.43 9.93
CA LEU B 328 12.65 1.00 9.67
C LEU B 328 11.61 -0.08 9.40
N LEU B 329 11.96 -1.07 8.57
CA LEU B 329 11.04 -2.19 8.33
C LEU B 329 10.81 -2.99 9.60
N TYR B 330 11.87 -3.24 10.38
CA TYR B 330 11.70 -3.97 11.63
C TYR B 330 10.74 -3.25 12.58
N THR B 331 10.79 -1.92 12.60
CA THR B 331 9.90 -1.16 13.48
C THR B 331 8.46 -1.14 12.93
N THR B 332 8.30 -0.94 11.63
CA THR B 332 6.97 -0.76 11.06
C THR B 332 6.24 -2.07 10.80
N TYR B 333 6.94 -3.20 10.77
CA TYR B 333 6.30 -4.47 10.46
C TYR B 333 5.21 -4.85 11.46
N PRO B 334 5.43 -4.81 12.78
CA PRO B 334 4.33 -5.18 13.70
C PRO B 334 3.11 -4.31 13.52
N LEU B 335 3.30 -3.02 13.25
CA LEU B 335 2.15 -2.17 12.95
C LEU B 335 1.45 -2.63 11.69
N LEU B 336 2.20 -3.09 10.69
CA LEU B 336 1.59 -3.57 9.46
C LEU B 336 0.76 -4.83 9.71
N LYS B 337 1.29 -5.78 10.49
CA LYS B 337 0.50 -6.97 10.80
C LYS B 337 -0.74 -6.61 11.62
N GLU B 338 -0.60 -5.70 12.58
CA GLU B 338 -1.76 -5.28 13.36
C GLU B 338 -2.83 -4.66 12.47
N SER B 339 -2.42 -3.77 11.57
CA SER B 339 -3.37 -3.13 10.66
C SER B 339 -4.02 -4.14 9.74
N ALA B 340 -3.24 -5.08 9.21
CA ALA B 340 -3.78 -6.08 8.31
C ALA B 340 -4.79 -6.98 9.02
N LEU B 341 -4.48 -7.40 10.25
CA LEU B 341 -5.41 -8.22 11.01
C LEU B 341 -6.67 -7.44 11.35
N ILE B 342 -6.53 -6.17 11.71
CA ILE B 342 -7.70 -5.37 12.08
C ILE B 342 -8.57 -5.11 10.86
N LEU B 343 -7.97 -4.91 9.70
CA LEU B 343 -8.71 -4.48 8.52
C LEU B 343 -9.43 -5.64 7.86
N LEU B 344 -8.68 -6.62 7.36
CA LEU B 344 -9.29 -7.84 6.87
C LEU B 344 -10.02 -8.54 8.01
N GLN B 345 -11.18 -9.12 7.69
CA GLN B 345 -12.04 -9.63 8.75
C GLN B 345 -11.36 -10.75 9.51
N THR B 346 -10.89 -10.45 10.71
CA THR B 346 -10.24 -11.41 11.58
C THR B 346 -10.73 -11.21 13.00
N VAL B 347 -10.71 -12.27 13.78
CA VAL B 347 -11.15 -12.19 15.18
C VAL B 347 -10.14 -11.35 15.96
N PRO B 348 -10.57 -10.55 16.93
CA PRO B 348 -9.61 -9.81 17.75
C PRO B 348 -8.80 -10.74 18.64
N LYS B 349 -7.61 -10.28 19.01
CA LYS B 349 -6.72 -11.08 19.84
C LYS B 349 -7.29 -11.31 21.24
N GLN B 350 -8.30 -10.53 21.64
CA GLN B 350 -8.88 -10.64 22.97
C GLN B 350 -10.06 -11.60 23.04
N ILE B 351 -10.37 -12.29 21.95
CA ILE B 351 -11.52 -13.19 21.90
C ILE B 351 -11.07 -14.53 21.33
N ASP B 352 -11.52 -15.62 21.95
CA ASP B 352 -11.26 -16.98 21.50
C ASP B 352 -12.54 -17.53 20.91
N ILE B 353 -12.50 -17.93 19.64
CA ILE B 353 -13.70 -18.35 18.93
C ILE B 353 -14.24 -19.65 19.50
N ARG B 354 -13.36 -20.64 19.68
CA ARG B 354 -13.82 -21.94 20.16
C ARG B 354 -14.38 -21.84 21.57
N ASN B 355 -13.70 -21.10 22.45
CA ASN B 355 -14.20 -20.93 23.81
C ASN B 355 -15.53 -20.17 23.80
N LEU B 356 -15.63 -19.13 22.98
CA LEU B 356 -16.87 -18.36 22.93
C LEU B 356 -18.04 -19.20 22.45
N ILE B 357 -17.83 -20.00 21.40
CA ILE B 357 -18.93 -20.81 20.88
C ILE B 357 -19.27 -21.94 21.83
N LYS B 358 -18.26 -22.49 22.54
CA LYS B 358 -18.54 -23.51 23.55
C LYS B 358 -19.38 -22.93 24.68
N GLU B 359 -19.06 -21.70 25.12
CA GLU B 359 -19.86 -21.05 26.14
C GLU B 359 -21.27 -20.77 25.63
N LEU B 360 -21.38 -20.35 24.37
CA LEU B 360 -22.70 -20.06 23.80
C LEU B 360 -23.56 -21.30 23.74
N ARG B 361 -22.99 -22.44 23.34
CA ARG B 361 -23.74 -23.69 23.26
C ARG B 361 -24.20 -24.17 24.63
N ASN B 362 -23.57 -23.69 25.71
CA ASN B 362 -23.98 -24.09 27.05
C ASN B 362 -25.36 -23.53 27.38
N VAL B 363 -25.74 -22.41 26.75
CA VAL B 363 -27.03 -21.80 27.04
C VAL B 363 -28.15 -22.77 26.70
N GLU B 364 -29.14 -22.84 27.60
CA GLU B 364 -30.23 -23.82 27.44
C GLU B 364 -31.08 -23.51 26.20
N GLY B 365 -31.32 -22.23 25.92
CA GLY B 365 -32.20 -21.89 24.81
C GLY B 365 -31.69 -22.38 23.47
N VAL B 366 -30.39 -22.20 23.22
CA VAL B 366 -29.80 -22.63 21.96
C VAL B 366 -29.44 -24.11 22.03
N GLU B 367 -29.66 -24.82 20.93
CA GLU B 367 -29.28 -26.22 20.80
C GLU B 367 -28.17 -26.45 19.79
N GLU B 368 -28.11 -25.66 18.72
CA GLU B 368 -26.99 -25.73 17.78
C GLU B 368 -26.86 -24.37 17.10
N VAL B 369 -25.72 -24.17 16.44
CA VAL B 369 -25.37 -22.88 15.86
C VAL B 369 -24.98 -23.10 14.41
N HIS B 370 -25.22 -22.07 13.59
CA HIS B 370 -24.76 -22.04 12.21
C HIS B 370 -24.54 -20.59 11.82
N GLU B 371 -23.79 -20.35 10.77
CA GLU B 371 -23.61 -18.99 10.33
C GLU B 371 -23.13 -18.15 11.50
N LEU B 372 -22.04 -18.54 12.12
CA LEU B 372 -21.48 -17.73 13.20
C LEU B 372 -20.33 -16.89 12.65
N HIS B 373 -20.46 -15.57 12.76
CA HIS B 373 -19.45 -14.66 12.25
C HIS B 373 -19.14 -13.60 13.30
N VAL B 374 -17.85 -13.34 13.50
CA VAL B 374 -17.40 -12.31 14.42
C VAL B 374 -16.34 -11.46 13.71
N TRP B 375 -16.52 -10.14 13.73
CA TRP B 375 -15.56 -9.22 13.16
C TRP B 375 -15.66 -7.90 13.91
N GLN B 376 -14.61 -7.09 13.80
CA GLN B 376 -14.53 -5.85 14.55
C GLN B 376 -14.32 -4.69 13.59
N LEU B 377 -15.06 -3.61 13.82
CA LEU B 377 -14.98 -2.42 12.98
C LEU B 377 -13.60 -1.78 13.06
N ALA B 378 -13.24 -1.27 14.25
CA ALA B 378 -11.95 -0.66 14.52
C ALA B 378 -11.88 -0.33 16.00
N GLY B 379 -10.66 -0.28 16.53
CA GLY B 379 -10.50 -0.01 17.95
C GLY B 379 -11.16 -1.09 18.79
N SER B 380 -12.03 -0.66 19.69
CA SER B 380 -12.72 -1.59 20.59
C SER B 380 -14.10 -1.96 20.09
N ARG B 381 -14.51 -1.50 18.91
CA ARG B 381 -15.82 -1.85 18.37
C ARG B 381 -15.82 -3.32 17.95
N ILE B 382 -16.84 -4.06 18.38
CA ILE B 382 -16.94 -5.50 18.12
C ILE B 382 -18.31 -5.76 17.50
N ILE B 383 -18.35 -6.59 16.47
CA ILE B 383 -19.59 -6.99 15.81
C ILE B 383 -19.69 -8.51 15.84
N ALA B 384 -20.84 -9.01 16.28
CA ALA B 384 -21.09 -10.44 16.35
C ALA B 384 -22.45 -10.75 15.72
N THR B 385 -22.47 -11.77 14.87
CA THR B 385 -23.70 -12.21 14.20
C THR B 385 -23.98 -13.66 14.58
N ALA B 386 -25.22 -13.96 14.91
CA ALA B 386 -25.62 -15.28 15.37
C ALA B 386 -26.83 -15.78 14.60
N HIS B 387 -27.03 -17.09 14.64
CA HIS B 387 -28.14 -17.76 13.97
C HIS B 387 -28.55 -18.94 14.84
N ILE B 388 -29.63 -18.78 15.61
CA ILE B 388 -29.98 -19.70 16.68
C ILE B 388 -31.27 -20.40 16.34
N LYS B 389 -31.27 -21.74 16.41
CA LYS B 389 -32.46 -22.51 16.08
C LYS B 389 -33.51 -22.44 17.20
N CYS B 390 -33.06 -22.29 18.45
CA CYS B 390 -33.94 -22.09 19.60
C CYS B 390 -34.86 -23.30 19.84
N GLU B 391 -35.63 -23.24 20.93
CA GLU B 391 -36.59 -24.30 21.25
C GLU B 391 -38.02 -23.79 21.20
N ASP B 392 -38.34 -22.75 21.96
CA ASP B 392 -39.70 -22.19 21.99
C ASP B 392 -39.66 -20.76 21.50
N PRO B 393 -39.92 -20.51 20.21
CA PRO B 393 -39.83 -19.13 19.69
C PRO B 393 -40.87 -18.20 20.29
N THR B 394 -41.96 -18.71 20.84
CA THR B 394 -43.02 -17.85 21.34
C THR B 394 -42.56 -16.99 22.50
N SER B 395 -41.83 -17.59 23.45
CA SER B 395 -41.34 -16.84 24.61
C SER B 395 -40.33 -15.78 24.21
N TYR B 396 -39.17 -16.21 23.73
CA TYR B 396 -38.05 -15.36 23.33
C TYR B 396 -37.58 -14.47 24.47
N MET B 397 -38.10 -14.67 25.69
CA MET B 397 -37.75 -13.87 26.85
C MET B 397 -36.87 -14.70 27.78
N GLU B 398 -36.06 -13.99 28.57
CA GLU B 398 -35.08 -14.55 29.51
C GLU B 398 -33.98 -15.32 28.78
N VAL B 399 -33.99 -15.37 27.46
CA VAL B 399 -32.94 -15.99 26.67
C VAL B 399 -32.22 -14.98 25.78
N ALA B 400 -32.96 -14.02 25.22
CA ALA B 400 -32.32 -12.94 24.47
C ALA B 400 -31.43 -12.11 25.38
N LYS B 401 -31.93 -11.78 26.58
CA LYS B 401 -31.08 -11.12 27.57
C LYS B 401 -29.95 -12.04 28.00
N THR B 402 -30.24 -13.35 28.13
CA THR B 402 -29.21 -14.30 28.53
C THR B 402 -28.08 -14.36 27.51
N ILE B 403 -28.42 -14.49 26.22
CA ILE B 403 -27.39 -14.55 25.20
C ILE B 403 -26.68 -13.20 25.07
N LYS B 404 -27.42 -12.09 25.25
CA LYS B 404 -26.78 -10.79 25.22
C LYS B 404 -25.73 -10.66 26.30
N ASP B 405 -26.05 -11.11 27.52
CA ASP B 405 -25.07 -11.11 28.60
C ASP B 405 -23.93 -12.07 28.30
N VAL B 406 -24.23 -13.20 27.64
CA VAL B 406 -23.20 -14.16 27.28
C VAL B 406 -22.16 -13.52 26.36
N PHE B 407 -22.63 -12.79 25.35
CA PHE B 407 -21.70 -12.03 24.51
C PHE B 407 -21.00 -10.93 25.30
N HIS B 408 -21.73 -10.18 26.12
CA HIS B 408 -21.11 -9.02 26.76
C HIS B 408 -20.07 -9.31 27.80
N ASN B 409 -20.22 -10.42 28.49
CA ASN B 409 -19.14 -10.74 29.42
C ASN B 409 -17.83 -10.95 28.68
N HIS B 410 -17.89 -11.30 27.40
CA HIS B 410 -16.73 -11.30 26.53
C HIS B 410 -16.54 -9.91 25.94
N GLY B 411 -15.66 -9.78 24.96
CA GLY B 411 -15.37 -8.47 24.39
C GLY B 411 -16.48 -7.90 23.53
N ILE B 412 -17.55 -8.65 23.28
CA ILE B 412 -18.62 -8.15 22.43
C ILE B 412 -19.40 -7.07 23.17
N HIS B 413 -19.75 -6.01 22.45
CA HIS B 413 -20.61 -4.97 22.99
C HIS B 413 -21.79 -4.70 22.07
N ALA B 414 -21.59 -4.90 20.77
CA ALA B 414 -22.66 -4.78 19.78
C ALA B 414 -23.03 -6.16 19.31
N THR B 415 -24.25 -6.61 19.62
CA THR B 415 -24.70 -7.95 19.32
C THR B 415 -25.81 -7.93 18.29
N THR B 416 -25.72 -8.82 17.31
CA THR B 416 -26.78 -9.03 16.32
C THR B 416 -27.04 -10.54 16.31
N ILE B 417 -27.88 -11.01 17.21
CA ILE B 417 -28.16 -12.42 17.37
C ILE B 417 -29.60 -12.64 16.91
N GLN B 418 -29.76 -12.99 15.64
CA GLN B 418 -31.08 -13.21 15.08
C GLN B 418 -31.47 -14.67 15.28
N PRO B 419 -32.58 -14.95 15.95
CA PRO B 419 -32.97 -16.33 16.21
C PRO B 419 -33.83 -16.91 15.09
N GLU B 420 -33.52 -18.15 14.73
CA GLU B 420 -34.32 -18.85 13.75
C GLU B 420 -35.38 -19.57 14.56
N PHE B 421 -36.55 -19.79 13.98
CA PHE B 421 -37.68 -20.41 14.64
C PHE B 421 -37.99 -21.74 13.97
N ALA B 422 -38.15 -22.79 14.77
CA ALA B 422 -38.45 -24.11 14.26
C ALA B 422 -39.94 -24.44 14.43
N SER B 429 -34.30 -28.29 10.80
CA SER B 429 -34.44 -29.58 10.12
C SER B 429 -33.09 -30.07 9.61
N VAL B 430 -33.12 -30.86 8.52
CA VAL B 430 -31.88 -31.35 7.93
C VAL B 430 -31.07 -30.20 7.36
N VAL B 431 -31.74 -29.19 6.80
CA VAL B 431 -31.03 -28.03 6.25
C VAL B 431 -30.35 -27.29 7.40
N PRO B 432 -29.13 -26.77 7.21
CA PRO B 432 -28.49 -25.98 8.28
C PRO B 432 -29.32 -24.77 8.69
N CYS B 433 -29.71 -23.95 7.72
CA CYS B 433 -30.57 -22.80 7.98
C CYS B 433 -31.80 -22.88 7.09
N GLU B 434 -32.98 -22.85 7.71
CA GLU B 434 -34.23 -22.94 6.96
C GLU B 434 -34.44 -21.72 6.08
N LEU B 435 -34.24 -20.55 6.66
CA LEU B 435 -34.34 -19.37 5.83
C LEU B 435 -33.23 -19.49 4.85
N ALA B 436 -33.58 -19.42 3.58
CA ALA B 436 -32.55 -19.48 2.55
C ALA B 436 -33.18 -19.24 1.21
N CYS B 437 -32.37 -18.93 0.21
CA CYS B 437 -32.90 -18.60 -1.11
C CYS B 437 -32.26 -19.41 -2.22
N ARG B 438 -31.82 -18.75 -3.28
CA ARG B 438 -31.28 -19.46 -4.44
C ARG B 438 -29.91 -20.08 -4.23
N THR B 439 -29.49 -20.91 -5.18
CA THR B 439 -28.17 -21.53 -5.09
C THR B 439 -27.09 -20.48 -5.26
N GLN B 440 -27.47 -19.31 -5.75
CA GLN B 440 -26.51 -18.22 -5.90
C GLN B 440 -25.88 -17.96 -4.55
N CYS B 441 -26.57 -18.35 -3.48
CA CYS B 441 -26.04 -18.18 -2.14
C CYS B 441 -24.65 -18.77 -2.05
N ALA B 442 -24.41 -19.87 -2.75
CA ALA B 442 -23.11 -20.50 -2.73
C ALA B 442 -22.05 -19.49 -3.13
N LEU B 443 -22.34 -18.67 -4.13
CA LEU B 443 -21.39 -17.68 -4.60
C LEU B 443 -21.71 -16.28 -4.09
N LYS B 444 -22.79 -16.16 -3.32
CA LYS B 444 -23.21 -14.85 -2.81
C LYS B 444 -23.35 -14.87 -1.30
N GLN B 445 -24.10 -15.83 -0.79
CA GLN B 445 -24.31 -15.93 0.66
C GLN B 445 -23.04 -16.34 1.38
N CYS B 446 -22.79 -15.73 2.53
CA CYS B 446 -21.61 -16.06 3.31
C CYS B 446 -21.61 -17.53 3.70
N CYS B 447 -20.44 -18.15 3.71
CA CYS B 447 -20.34 -19.57 4.07
C CYS B 447 -21.49 -20.03 4.95
#